data_5P8W
#
_entry.id   5P8W
#
_cell.length_a   94.931
_cell.length_b   176.379
_cell.length_c   119.600
_cell.angle_alpha   90.000
_cell.angle_beta   90.000
_cell.angle_gamma   90.000
#
_symmetry.space_group_name_H-M   'C 2 2 21'
#
loop_
_entity.id
_entity.type
_entity.pdbx_description
1 polymer 'Catechol O-methyltransferase'
2 non-polymer 2,3-DIHYDROXY-1,4-DITHIOBUTANE
3 non-polymer [5-(2,4-dimethyl-1,3-thiazol-5-yl)-1H-pyrazol-3-yl]methanamine
4 non-polymer 'FORMIC ACID'
5 non-polymer 'SODIUM ION'
6 water water
#
_entity_poly.entity_id   1
_entity_poly.type   'polypeptide(L)'
_entity_poly.pdbx_seq_one_letter_code
;MGDTKEQRILRYVQQNAKPGDPQSVLEAIDTYCTQKEWAMNVGDAKGQIMDAVIREYSPSLVLELGAYCGYSAVRMARLL
QPGARLLTMEINPDCAAITQQMLNFAGLQDKVTILNGASQDLIPQLKKKYDVDTLDMVFLDHWKDRYLPDTLLLEKCGLL
RKGTVLLADNVIVPGTPDFLAYVRGSSSFECTHYSSYLEYMKVVDGLEKAIYQGPSSPDKS
;
_entity_poly.pdbx_strand_id   A,B,C
#
loop_
_chem_comp.id
_chem_comp.type
_chem_comp.name
_chem_comp.formula
DTT non-polymer 2,3-DIHYDROXY-1,4-DITHIOBUTANE 'C4 H10 O2 S2'
FMT non-polymer 'FORMIC ACID' 'C H2 O2'
NA non-polymer 'SODIUM ION' 'Na 1'
O01 non-polymer [5-(2,4-dimethyl-1,3-thiazol-5-yl)-1H-pyrazol-3-yl]methanamine 'C9 H12 N4 S'
#
# COMPACT_ATOMS: atom_id res chain seq x y z
N GLY A 2 21.73 5.14 -7.64
CA GLY A 2 21.12 3.83 -7.70
C GLY A 2 20.42 3.57 -9.03
N ASP A 3 20.28 2.29 -9.39
CA ASP A 3 19.66 1.93 -10.65
C ASP A 3 18.15 2.02 -10.53
N THR A 4 17.51 2.45 -11.61
CA THR A 4 16.06 2.49 -11.61
C THR A 4 15.50 1.07 -11.47
N LYS A 5 14.25 1.00 -11.02
CA LYS A 5 13.53 -0.25 -10.95
C LYS A 5 13.50 -0.96 -12.30
N GLU A 6 13.24 -0.20 -13.37
CA GLU A 6 13.14 -0.76 -14.71
C GLU A 6 14.50 -1.26 -15.21
N GLN A 7 15.58 -0.55 -14.90
CA GLN A 7 16.92 -1.00 -15.29
CA GLN A 7 16.91 -0.99 -15.31
C GLN A 7 17.27 -2.34 -14.67
N ARG A 8 16.90 -2.53 -13.39
CA ARG A 8 17.22 -3.78 -12.70
C ARG A 8 16.44 -4.95 -13.29
N ILE A 9 15.18 -4.72 -13.65
CA ILE A 9 14.38 -5.77 -14.29
C ILE A 9 14.99 -6.15 -15.64
N LEU A 10 15.37 -5.14 -16.44
CA LEU A 10 15.98 -5.41 -17.73
C LEU A 10 17.27 -6.21 -17.56
N ARG A 11 18.10 -5.84 -16.58
CA ARG A 11 19.35 -6.55 -16.36
C ARG A 11 19.12 -8.01 -16.02
N TYR A 12 18.10 -8.31 -15.19
CA TYR A 12 17.79 -9.70 -14.88
C TYR A 12 17.36 -10.45 -16.13
N VAL A 13 16.59 -9.80 -17.00
CA VAL A 13 16.17 -10.43 -18.25
C VAL A 13 17.39 -10.77 -19.10
N GLN A 14 18.26 -9.76 -19.33
CA GLN A 14 19.44 -9.98 -20.14
C GLN A 14 20.32 -11.11 -19.60
N GLN A 15 20.38 -11.26 -18.28
CA GLN A 15 21.26 -12.28 -17.70
C GLN A 15 20.60 -13.66 -17.65
N ASN A 16 19.27 -13.75 -17.80
CA ASN A 16 18.60 -15.03 -17.56
C ASN A 16 17.67 -15.51 -18.68
N ALA A 17 17.07 -14.59 -19.43
CA ALA A 17 16.11 -15.00 -20.47
C ALA A 17 16.83 -15.49 -21.72
N LYS A 18 16.10 -16.22 -22.55
CA LYS A 18 16.64 -16.72 -23.81
C LYS A 18 16.45 -15.67 -24.90
N PRO A 19 17.52 -15.24 -25.57
CA PRO A 19 17.36 -14.20 -26.60
C PRO A 19 16.39 -14.63 -27.69
N GLY A 20 15.61 -13.68 -28.19
CA GLY A 20 14.64 -13.98 -29.23
C GLY A 20 13.44 -14.78 -28.79
N ASP A 21 13.23 -14.96 -27.49
CA ASP A 21 12.15 -15.82 -27.01
C ASP A 21 11.24 -14.97 -26.12
N PRO A 22 10.15 -14.42 -26.68
CA PRO A 22 9.29 -13.55 -25.85
C PRO A 22 8.74 -14.22 -24.61
N GLN A 23 8.38 -15.51 -24.71
CA GLN A 23 7.86 -16.21 -23.54
C GLN A 23 8.90 -16.28 -22.41
N SER A 24 10.16 -16.51 -22.78
CA SER A 24 11.23 -16.56 -21.79
C SER A 24 11.45 -15.22 -21.13
N VAL A 25 11.31 -14.14 -21.91
CA VAL A 25 11.44 -12.79 -21.35
C VAL A 25 10.35 -12.53 -20.32
N LEU A 26 9.09 -12.82 -20.68
CA LEU A 26 7.97 -12.60 -19.76
C LEU A 26 8.14 -13.41 -18.47
N GLU A 27 8.57 -14.67 -18.60
CA GLU A 27 8.79 -15.48 -17.41
C GLU A 27 9.92 -14.94 -16.56
N ALA A 28 10.98 -14.39 -17.18
CA ALA A 28 12.09 -13.85 -16.40
C ALA A 28 11.68 -12.56 -15.65
N ILE A 29 10.87 -11.70 -16.27
CA ILE A 29 10.32 -10.54 -15.56
C ILE A 29 9.52 -11.00 -14.35
N ASP A 30 8.59 -11.93 -14.58
CA ASP A 30 7.78 -12.52 -13.51
C ASP A 30 8.66 -13.07 -12.39
N THR A 31 9.65 -13.87 -12.75
CA THR A 31 10.53 -14.49 -11.76
C THR A 31 11.26 -13.44 -10.94
N TYR A 32 11.74 -12.37 -11.59
CA TYR A 32 12.48 -11.35 -10.86
C TYR A 32 11.55 -10.59 -9.90
N CYS A 33 10.38 -10.18 -10.39
CA CYS A 33 9.45 -9.44 -9.52
C CYS A 33 9.01 -10.28 -8.32
N THR A 34 8.79 -11.59 -8.54
CA THR A 34 8.45 -12.50 -7.45
C THR A 34 9.59 -12.56 -6.43
N GLN A 35 10.81 -12.74 -6.91
CA GLN A 35 11.96 -12.79 -6.03
C GLN A 35 12.14 -11.49 -5.25
N LYS A 36 11.95 -10.34 -5.89
CA LYS A 36 12.10 -9.05 -5.21
C LYS A 36 10.88 -8.68 -4.37
N GLU A 37 9.76 -9.39 -4.53
CA GLU A 37 8.49 -9.07 -3.89
C GLU A 37 8.04 -7.66 -4.31
N TRP A 38 8.11 -7.43 -5.61
CA TRP A 38 7.58 -6.25 -6.26
C TRP A 38 6.30 -6.64 -6.99
N ALA A 39 5.23 -5.89 -6.76
CA ALA A 39 3.97 -6.17 -7.42
C ALA A 39 4.07 -5.90 -8.92
N MET A 40 3.48 -6.78 -9.71
CA MET A 40 3.51 -6.62 -11.15
C MET A 40 2.38 -5.70 -11.60
N ASN A 41 2.73 -4.73 -12.46
CA ASN A 41 1.71 -3.92 -13.14
C ASN A 41 0.68 -4.81 -13.83
N VAL A 42 1.15 -5.64 -14.75
CA VAL A 42 0.35 -6.68 -15.40
C VAL A 42 1.09 -7.97 -15.20
N GLY A 43 0.44 -8.94 -14.57
CA GLY A 43 0.99 -10.28 -14.43
C GLY A 43 0.31 -11.26 -15.36
N ASP A 44 0.46 -12.54 -15.04
CA ASP A 44 -0.04 -13.55 -15.96
C ASP A 44 -1.57 -13.62 -15.99
N ALA A 45 -2.23 -13.29 -14.86
CA ALA A 45 -3.69 -13.35 -14.82
C ALA A 45 -4.30 -12.35 -15.79
N LYS A 46 -3.97 -11.07 -15.63
CA LYS A 46 -4.38 -10.06 -16.60
C LYS A 46 -3.80 -10.36 -17.97
N GLY A 47 -2.57 -10.87 -18.02
CA GLY A 47 -1.97 -11.20 -19.31
C GLY A 47 -2.80 -12.20 -20.10
N GLN A 48 -3.38 -13.18 -19.42
CA GLN A 48 -4.20 -14.16 -20.13
C GLN A 48 -5.47 -13.54 -20.70
N ILE A 49 -6.02 -12.54 -20.01
CA ILE A 49 -7.17 -11.80 -20.56
C ILE A 49 -6.74 -11.01 -21.79
N MET A 50 -5.59 -10.32 -21.69
CA MET A 50 -5.08 -9.60 -22.85
C MET A 50 -4.81 -10.52 -24.04
N ASP A 51 -4.24 -11.70 -23.78
CA ASP A 51 -3.99 -12.66 -24.84
C ASP A 51 -5.30 -13.04 -25.54
N ALA A 52 -6.32 -13.35 -24.73
CA ALA A 52 -7.60 -13.80 -25.30
C ALA A 52 -8.23 -12.75 -26.19
N VAL A 53 -8.16 -11.47 -25.77
CA VAL A 53 -8.73 -10.40 -26.58
C VAL A 53 -7.97 -10.28 -27.89
N ILE A 54 -6.64 -10.31 -27.83
CA ILE A 54 -5.83 -10.15 -29.03
C ILE A 54 -6.09 -11.28 -30.01
N ARG A 55 -6.13 -12.51 -29.51
CA ARG A 55 -6.40 -13.65 -30.38
C ARG A 55 -7.81 -13.58 -30.98
N GLU A 56 -8.79 -13.05 -30.25
CA GLU A 56 -10.15 -13.00 -30.80
C GLU A 56 -10.25 -11.98 -31.92
N TYR A 57 -9.62 -10.82 -31.78
CA TYR A 57 -9.86 -9.74 -32.72
C TYR A 57 -8.73 -9.54 -33.73
N SER A 58 -7.61 -10.23 -33.57
CA SER A 58 -6.46 -10.18 -34.48
C SER A 58 -6.15 -8.77 -34.94
N PRO A 59 -5.99 -7.80 -34.03
CA PRO A 59 -5.78 -6.42 -34.47
C PRO A 59 -4.49 -6.29 -35.29
N SER A 60 -4.58 -5.56 -36.41
CA SER A 60 -3.39 -5.23 -37.21
C SER A 60 -2.66 -4.00 -36.71
N LEU A 61 -3.35 -3.10 -36.01
CA LEU A 61 -2.72 -1.90 -35.46
C LEU A 61 -3.23 -1.72 -34.04
N VAL A 62 -2.33 -1.82 -33.06
CA VAL A 62 -2.63 -1.67 -31.64
C VAL A 62 -1.94 -0.41 -31.14
N LEU A 63 -2.67 0.39 -30.36
CA LEU A 63 -2.10 1.52 -29.63
C LEU A 63 -2.06 1.19 -28.14
N GLU A 64 -0.88 1.33 -27.54
CA GLU A 64 -0.68 1.07 -26.11
C GLU A 64 -0.32 2.38 -25.42
N LEU A 65 -1.04 2.70 -24.35
CA LEU A 65 -0.83 3.93 -23.58
C LEU A 65 -0.17 3.55 -22.25
N GLY A 66 1.12 3.84 -22.11
CA GLY A 66 1.91 3.48 -20.94
C GLY A 66 2.74 2.21 -21.15
N ALA A 67 4.07 2.29 -21.03
CA ALA A 67 4.95 1.16 -21.33
C ALA A 67 5.57 0.49 -20.11
N TYR A 68 5.95 1.25 -19.08
CA TYR A 68 6.56 0.71 -17.85
C TYR A 68 7.88 0.04 -18.24
N CYS A 69 8.16 -1.17 -17.80
CA CYS A 69 9.39 -1.84 -18.17
C CYS A 69 9.25 -2.64 -19.46
N GLY A 70 8.07 -2.64 -20.09
CA GLY A 70 7.89 -3.32 -21.36
C GLY A 70 7.25 -4.69 -21.32
N TYR A 71 6.89 -5.19 -20.13
CA TYR A 71 6.22 -6.48 -20.04
C TYR A 71 4.98 -6.55 -20.96
N SER A 72 4.09 -5.56 -20.84
CA SER A 72 2.86 -5.56 -21.61
C SER A 72 3.12 -5.46 -23.12
N ALA A 73 4.12 -4.66 -23.50
CA ALA A 73 4.48 -4.55 -24.91
C ALA A 73 4.94 -5.89 -25.47
N VAL A 74 5.77 -6.61 -24.72
CA VAL A 74 6.20 -7.95 -25.14
C VAL A 74 5.00 -8.90 -25.16
N ARG A 75 4.12 -8.77 -24.17
CA ARG A 75 2.98 -9.68 -24.05
C ARG A 75 2.09 -9.59 -25.28
N MET A 76 1.79 -8.35 -25.72
CA MET A 76 0.94 -8.11 -26.90
C MET A 76 1.68 -8.33 -28.21
N ALA A 77 2.90 -7.78 -28.34
CA ALA A 77 3.59 -7.86 -29.63
C ALA A 77 3.85 -9.30 -30.05
N ARG A 78 4.05 -10.21 -29.09
CA ARG A 78 4.38 -11.60 -29.43
C ARG A 78 3.21 -12.30 -30.10
N LEU A 79 2.00 -11.78 -29.98
CA LEU A 79 0.83 -12.40 -30.58
C LEU A 79 0.43 -11.72 -31.89
N LEU A 80 1.09 -10.63 -32.27
CA LEU A 80 0.68 -9.92 -33.47
C LEU A 80 1.08 -10.71 -34.71
N GLN A 81 0.22 -10.67 -35.74
CA GLN A 81 0.49 -11.36 -36.99
C GLN A 81 1.56 -10.63 -37.79
N PRO A 82 2.18 -11.30 -38.78
CA PRO A 82 3.10 -10.61 -39.68
C PRO A 82 2.43 -9.44 -40.37
N GLY A 83 3.16 -8.34 -40.46
CA GLY A 83 2.60 -7.09 -40.96
C GLY A 83 1.94 -6.23 -39.91
N ALA A 84 1.49 -6.81 -38.80
CA ALA A 84 0.79 -6.02 -37.79
C ALA A 84 1.79 -5.23 -36.95
N ARG A 85 1.26 -4.23 -36.24
CA ARG A 85 2.12 -3.20 -35.69
C ARG A 85 1.57 -2.71 -34.34
N LEU A 86 2.48 -2.54 -33.37
CA LEU A 86 2.16 -1.96 -32.07
C LEU A 86 2.80 -0.59 -31.99
N LEU A 87 2.02 0.41 -31.59
CA LEU A 87 2.51 1.73 -31.25
C LEU A 87 2.36 1.92 -29.74
N THR A 88 3.45 2.20 -29.05
CA THR A 88 3.44 2.34 -27.59
C THR A 88 3.84 3.77 -27.23
N MET A 89 2.98 4.44 -26.45
CA MET A 89 3.28 5.77 -25.93
C MET A 89 3.75 5.66 -24.49
N GLU A 90 4.87 6.32 -24.18
CA GLU A 90 5.47 6.30 -22.84
C GLU A 90 5.94 7.71 -22.53
N ILE A 91 5.58 8.23 -21.35
CA ILE A 91 5.91 9.61 -21.04
C ILE A 91 7.32 9.73 -20.44
N ASN A 92 7.84 8.66 -19.85
CA ASN A 92 9.14 8.70 -19.18
C ASN A 92 10.22 8.20 -20.15
N PRO A 93 11.21 9.03 -20.49
CA PRO A 93 12.18 8.62 -21.53
C PRO A 93 13.00 7.39 -21.15
N ASP A 94 13.25 7.18 -19.85
CA ASP A 94 14.03 6.03 -19.44
C ASP A 94 13.22 4.74 -19.53
N CYS A 95 11.92 4.80 -19.19
CA CYS A 95 11.06 3.65 -19.42
C CYS A 95 10.89 3.35 -20.91
N ALA A 96 10.90 4.39 -21.75
CA ALA A 96 10.78 4.17 -23.18
C ALA A 96 12.01 3.46 -23.72
N ALA A 97 13.20 3.86 -23.26
CA ALA A 97 14.44 3.21 -23.65
C ALA A 97 14.46 1.76 -23.18
N ILE A 98 14.10 1.52 -21.92
CA ILE A 98 14.06 0.16 -21.38
C ILE A 98 13.09 -0.71 -22.18
N THR A 99 11.89 -0.20 -22.46
CA THR A 99 10.93 -0.98 -23.22
C THR A 99 11.51 -1.35 -24.58
N GLN A 100 12.20 -0.41 -25.23
CA GLN A 100 12.80 -0.72 -26.52
C GLN A 100 13.82 -1.84 -26.38
N GLN A 101 14.59 -1.81 -25.30
CA GLN A 101 15.64 -2.80 -25.15
C GLN A 101 15.07 -4.15 -24.74
N MET A 102 13.96 -4.14 -24.01
CA MET A 102 13.28 -5.38 -23.65
C MET A 102 12.72 -6.06 -24.90
N LEU A 103 12.05 -5.28 -25.75
CA LEU A 103 11.55 -5.81 -27.01
C LEU A 103 12.69 -6.27 -27.92
N ASN A 104 13.82 -5.56 -27.90
CA ASN A 104 14.94 -6.00 -28.71
C ASN A 104 15.40 -7.39 -28.27
N PHE A 105 15.57 -7.58 -26.96
CA PHE A 105 16.02 -8.87 -26.44
C PHE A 105 15.03 -9.96 -26.80
N ALA A 106 13.73 -9.64 -26.78
CA ALA A 106 12.69 -10.58 -27.15
C ALA A 106 12.63 -10.89 -28.64
N GLY A 107 13.36 -10.15 -29.49
CA GLY A 107 13.26 -10.34 -30.93
C GLY A 107 12.05 -9.68 -31.56
N LEU A 108 11.43 -8.71 -30.88
CA LEU A 108 10.17 -8.13 -31.31
C LEU A 108 10.32 -6.69 -31.78
N GLN A 109 11.55 -6.23 -31.99
CA GLN A 109 11.81 -4.83 -32.31
C GLN A 109 11.09 -4.38 -33.58
N ASP A 110 10.96 -5.26 -34.57
CA ASP A 110 10.39 -4.86 -35.85
C ASP A 110 8.88 -4.65 -35.81
N LYS A 111 8.21 -5.09 -34.75
CA LYS A 111 6.76 -4.96 -34.64
C LYS A 111 6.29 -3.74 -33.84
N VAL A 112 7.20 -3.00 -33.19
CA VAL A 112 6.81 -2.00 -32.21
C VAL A 112 7.49 -0.67 -32.51
N THR A 113 6.72 0.41 -32.47
CA THR A 113 7.24 1.76 -32.52
C THR A 113 6.96 2.41 -31.17
N ILE A 114 8.00 2.97 -30.55
CA ILE A 114 7.86 3.56 -29.22
C ILE A 114 7.90 5.07 -29.36
N LEU A 115 6.85 5.73 -28.88
CA LEU A 115 6.74 7.18 -28.92
C LEU A 115 6.90 7.72 -27.50
N ASN A 116 7.84 8.64 -27.33
CA ASN A 116 8.09 9.23 -26.01
C ASN A 116 7.35 10.55 -25.93
N GLY A 117 6.40 10.65 -25.00
CA GLY A 117 5.62 11.85 -24.83
C GLY A 117 4.32 11.55 -24.11
N ALA A 118 3.54 12.62 -23.92
CA ALA A 118 2.22 12.48 -23.29
C ALA A 118 1.18 12.12 -24.35
N SER A 119 0.25 11.24 -23.97
CA SER A 119 -0.80 10.77 -24.86
C SER A 119 -1.54 11.91 -25.56
N GLN A 120 -1.93 12.96 -24.81
CA GLN A 120 -2.69 14.04 -25.44
C GLN A 120 -1.85 14.86 -26.41
N ASP A 121 -0.53 14.78 -26.32
CA ASP A 121 0.32 15.46 -27.29
C ASP A 121 0.59 14.59 -28.53
N LEU A 122 0.66 13.28 -28.35
CA LEU A 122 1.01 12.37 -29.45
C LEU A 122 -0.20 11.92 -30.25
N ILE A 123 -1.32 11.63 -29.57
CA ILE A 123 -2.52 11.17 -30.27
C ILE A 123 -2.89 12.06 -31.46
N PRO A 124 -2.94 13.39 -31.33
CA PRO A 124 -3.27 14.21 -32.51
C PRO A 124 -2.24 14.13 -33.63
N GLN A 125 -1.08 13.52 -33.41
CA GLN A 125 -0.08 13.40 -34.47
C GLN A 125 -0.17 12.09 -35.23
N LEU A 126 -1.00 11.14 -34.78
CA LEU A 126 -0.93 9.79 -35.31
C LEU A 126 -1.25 9.75 -36.81
N LYS A 127 -2.28 10.49 -37.24
CA LYS A 127 -2.69 10.48 -38.64
C LYS A 127 -1.55 10.91 -39.56
N LYS A 128 -1.04 12.13 -39.36
CA LYS A 128 -0.08 12.66 -40.30
C LYS A 128 1.33 12.14 -40.05
N LYS A 129 1.77 12.12 -38.80
CA LYS A 129 3.18 11.85 -38.54
C LYS A 129 3.51 10.36 -38.55
N TYR A 130 2.55 9.48 -38.23
CA TYR A 130 2.81 8.05 -38.15
C TYR A 130 1.91 7.24 -39.08
N ASP A 131 1.26 7.93 -40.03
CA ASP A 131 0.47 7.30 -41.10
C ASP A 131 -0.54 6.29 -40.55
N VAL A 132 -1.35 6.74 -39.61
CA VAL A 132 -2.40 5.92 -39.03
C VAL A 132 -3.72 6.31 -39.68
N ASP A 133 -4.50 5.31 -40.09
CA ASP A 133 -5.88 5.58 -40.48
C ASP A 133 -6.77 5.45 -39.25
N THR A 134 -7.16 4.22 -38.90
CA THR A 134 -7.88 3.95 -37.67
C THR A 134 -7.15 2.86 -36.88
N LEU A 135 -7.33 2.87 -35.56
CA LEU A 135 -6.76 1.86 -34.69
C LEU A 135 -7.71 0.68 -34.59
N ASP A 136 -7.14 -0.53 -34.54
CA ASP A 136 -7.94 -1.73 -34.30
C ASP A 136 -8.13 -2.05 -32.83
N MET A 137 -7.19 -1.61 -31.99
CA MET A 137 -7.26 -1.91 -30.58
C MET A 137 -6.44 -0.87 -29.83
N VAL A 138 -6.93 -0.47 -28.67
CA VAL A 138 -6.20 0.44 -27.78
C VAL A 138 -6.13 -0.22 -26.42
N PHE A 139 -4.91 -0.29 -25.85
CA PHE A 139 -4.70 -0.78 -24.48
C PHE A 139 -4.38 0.43 -23.63
N LEU A 140 -5.27 0.75 -22.70
CA LEU A 140 -5.15 1.92 -21.85
C LEU A 140 -4.56 1.48 -20.51
N ASP A 141 -3.37 1.96 -20.18
CA ASP A 141 -2.78 1.63 -18.89
C ASP A 141 -1.86 2.75 -18.40
N HIS A 142 -2.25 4.01 -18.62
CA HIS A 142 -1.47 5.15 -18.19
C HIS A 142 -2.17 5.84 -17.03
N TRP A 143 -2.10 7.17 -16.96
CA TRP A 143 -2.73 7.89 -15.84
C TRP A 143 -4.24 7.69 -15.87
N LYS A 144 -4.81 7.30 -14.73
CA LYS A 144 -6.19 6.84 -14.72
C LYS A 144 -7.16 7.99 -14.99
N ASP A 145 -6.82 9.20 -14.55
CA ASP A 145 -7.62 10.37 -14.86
C ASP A 145 -7.57 10.75 -16.34
N ARG A 146 -6.78 10.06 -17.16
CA ARG A 146 -6.73 10.39 -18.57
C ARG A 146 -7.49 9.40 -19.45
N TYR A 147 -8.05 8.32 -18.91
CA TYR A 147 -8.69 7.35 -19.79
C TYR A 147 -9.84 7.97 -20.56
N LEU A 148 -10.74 8.69 -19.87
CA LEU A 148 -11.90 9.25 -20.55
C LEU A 148 -11.49 10.39 -21.48
N PRO A 149 -10.71 11.40 -21.04
CA PRO A 149 -10.26 12.45 -21.99
C PRO A 149 -9.59 11.89 -23.23
N ASP A 150 -8.73 10.88 -23.08
CA ASP A 150 -8.00 10.36 -24.24
C ASP A 150 -8.92 9.55 -25.16
N THR A 151 -9.90 8.86 -24.58
CA THR A 151 -10.91 8.17 -25.38
C THR A 151 -11.73 9.17 -26.19
N LEU A 152 -12.11 10.29 -25.57
CA LEU A 152 -12.83 11.32 -26.30
C LEU A 152 -11.92 11.96 -27.34
N LEU A 153 -10.63 12.13 -27.01
CA LEU A 153 -9.70 12.69 -27.98
C LEU A 153 -9.52 11.76 -29.17
N LEU A 154 -9.36 10.45 -28.90
CA LEU A 154 -9.26 9.47 -29.98
C LEU A 154 -10.47 9.53 -30.89
N GLU A 155 -11.66 9.64 -30.30
CA GLU A 155 -12.87 9.75 -31.10
C GLU A 155 -12.88 11.05 -31.91
N LYS A 156 -12.54 12.16 -31.26
CA LYS A 156 -12.53 13.46 -31.94
C LYS A 156 -11.55 13.47 -33.11
N CYS A 157 -10.41 12.79 -32.98
CA CYS A 157 -9.42 12.74 -34.05
C CYS A 157 -9.78 11.77 -35.18
N GLY A 158 -10.93 11.10 -35.10
CA GLY A 158 -11.27 10.09 -36.10
C GLY A 158 -10.39 8.84 -36.08
N LEU A 159 -9.84 8.47 -34.92
CA LEU A 159 -8.95 7.31 -34.85
C LEU A 159 -9.67 6.02 -34.50
N LEU A 160 -10.95 6.10 -34.14
CA LEU A 160 -11.76 4.93 -33.84
C LEU A 160 -12.64 4.60 -35.04
N ARG A 161 -12.78 3.31 -35.31
CA ARG A 161 -13.73 2.79 -36.28
C ARG A 161 -14.72 1.88 -35.56
N LYS A 162 -15.84 1.60 -36.22
CA LYS A 162 -16.77 0.63 -35.67
C LYS A 162 -16.04 -0.70 -35.48
N GLY A 163 -16.06 -1.21 -34.26
CA GLY A 163 -15.34 -2.42 -33.95
C GLY A 163 -13.95 -2.24 -33.34
N THR A 164 -13.45 -1.01 -33.23
CA THR A 164 -12.24 -0.78 -32.44
C THR A 164 -12.43 -1.24 -31.01
N VAL A 165 -11.48 -2.04 -30.51
CA VAL A 165 -11.51 -2.58 -29.16
C VAL A 165 -10.68 -1.70 -28.22
N LEU A 166 -11.31 -1.08 -27.24
CA LEU A 166 -10.59 -0.48 -26.14
C LEU A 166 -10.51 -1.50 -25.01
N LEU A 167 -9.29 -1.74 -24.51
CA LEU A 167 -9.08 -2.62 -23.37
C LEU A 167 -8.40 -1.78 -22.29
N ALA A 168 -9.10 -1.57 -21.18
CA ALA A 168 -8.65 -0.64 -20.15
C ALA A 168 -8.29 -1.41 -18.88
N ASP A 169 -7.06 -1.23 -18.40
CA ASP A 169 -6.58 -1.86 -17.17
C ASP A 169 -6.89 -0.96 -15.97
N ASN A 170 -7.03 -1.58 -14.79
CA ASN A 170 -7.17 -0.87 -13.50
C ASN A 170 -8.46 -0.06 -13.39
N VAL A 171 -9.54 -0.50 -14.03
CA VAL A 171 -10.76 0.29 -13.97
C VAL A 171 -11.47 0.19 -12.63
N ILE A 172 -11.09 -0.77 -11.78
CA ILE A 172 -11.63 -0.86 -10.43
C ILE A 172 -10.67 -0.28 -9.40
N VAL A 173 -9.39 -0.67 -9.48
CA VAL A 173 -8.37 -0.25 -8.54
C VAL A 173 -7.16 0.19 -9.33
N PRO A 174 -6.72 1.46 -9.24
CA PRO A 174 -7.23 2.57 -8.41
C PRO A 174 -8.60 3.03 -8.88
N GLY A 175 -8.96 2.68 -10.11
CA GLY A 175 -10.31 2.86 -10.60
C GLY A 175 -10.42 3.99 -11.60
N THR A 176 -11.30 3.81 -12.59
CA THR A 176 -11.60 4.83 -13.59
C THR A 176 -13.12 4.97 -13.67
N PRO A 177 -13.76 5.44 -12.59
CA PRO A 177 -15.23 5.38 -12.55
C PRO A 177 -15.91 6.28 -13.56
N ASP A 178 -15.32 7.44 -13.89
CA ASP A 178 -15.91 8.27 -14.94
C ASP A 178 -15.87 7.53 -16.27
N PHE A 179 -14.73 6.92 -16.59
CA PHE A 179 -14.57 6.21 -17.86
C PHE A 179 -15.60 5.09 -17.99
N LEU A 180 -15.76 4.31 -16.91
CA LEU A 180 -16.71 3.20 -16.92
C LEU A 180 -18.13 3.70 -17.06
N ALA A 181 -18.52 4.70 -16.27
CA ALA A 181 -19.87 5.20 -16.36
C ALA A 181 -20.14 5.75 -17.74
N TYR A 182 -19.14 6.39 -18.33
CA TYR A 182 -19.30 6.97 -19.66
C TYR A 182 -19.48 5.90 -20.74
N VAL A 183 -18.55 4.93 -20.82
CA VAL A 183 -18.64 3.97 -21.93
C VAL A 183 -19.79 3.01 -21.72
N ARG A 184 -20.10 2.64 -20.47
CA ARG A 184 -21.23 1.74 -20.28
C ARG A 184 -22.55 2.44 -20.59
N GLY A 185 -22.69 3.70 -20.19
CA GLY A 185 -23.90 4.44 -20.48
C GLY A 185 -24.07 4.82 -21.94
N SER A 186 -22.98 4.91 -22.69
CA SER A 186 -23.02 5.41 -24.06
C SER A 186 -23.43 4.31 -25.03
N SER A 187 -24.33 4.64 -25.97
CA SER A 187 -24.64 3.67 -27.03
C SER A 187 -23.49 3.51 -28.01
N SER A 188 -22.46 4.34 -27.94
CA SER A 188 -21.31 4.18 -28.83
C SER A 188 -20.34 3.08 -28.39
N PHE A 189 -20.57 2.44 -27.24
CA PHE A 189 -19.63 1.43 -26.73
C PHE A 189 -20.39 0.23 -26.19
N GLU A 190 -19.99 -0.96 -26.62
CA GLU A 190 -20.51 -2.21 -26.08
C GLU A 190 -19.45 -2.78 -25.15
N CYS A 191 -19.84 -3.01 -23.88
CA CYS A 191 -18.88 -3.16 -22.80
C CYS A 191 -18.99 -4.52 -22.12
N THR A 192 -17.82 -5.08 -21.85
CA THR A 192 -17.59 -6.34 -21.16
C THR A 192 -16.50 -6.10 -20.12
N HIS A 193 -16.70 -6.60 -18.92
CA HIS A 193 -15.73 -6.43 -17.83
C HIS A 193 -15.17 -7.79 -17.42
N TYR A 194 -13.84 -7.91 -17.41
CA TYR A 194 -13.19 -9.15 -16.98
C TYR A 194 -12.61 -8.94 -15.59
N SER A 195 -13.18 -9.61 -14.59
CA SER A 195 -12.72 -9.45 -13.23
C SER A 195 -11.39 -10.17 -13.01
N SER A 196 -10.55 -9.59 -12.15
CA SER A 196 -9.22 -10.15 -11.91
C SER A 196 -8.78 -9.67 -10.53
N TYR A 197 -7.47 -9.50 -10.36
CA TYR A 197 -6.92 -9.09 -9.07
C TYR A 197 -5.76 -8.13 -9.31
N LEU A 198 -5.49 -7.33 -8.29
CA LEU A 198 -4.32 -6.48 -8.22
C LEU A 198 -3.64 -6.78 -6.90
N GLU A 199 -2.31 -6.79 -6.91
CA GLU A 199 -1.55 -7.04 -5.69
C GLU A 199 -0.80 -5.79 -5.24
N TYR A 200 -0.84 -5.53 -3.94
CA TYR A 200 -0.02 -4.55 -3.28
C TYR A 200 1.10 -5.26 -2.54
N MET A 201 2.32 -4.74 -2.64
CA MET A 201 3.42 -5.29 -1.84
C MET A 201 4.26 -4.16 -1.26
N LYS A 202 4.42 -4.19 0.05
CA LYS A 202 5.28 -3.28 0.81
C LYS A 202 4.77 -1.83 0.71
N VAL A 203 3.59 -1.60 1.26
CA VAL A 203 2.94 -0.29 1.19
C VAL A 203 2.56 0.16 2.61
N VAL A 204 2.53 1.47 2.79
CA VAL A 204 2.02 2.06 4.03
C VAL A 204 0.50 1.89 4.07
N ASP A 205 -0.01 1.42 5.21
CA ASP A 205 -1.45 1.31 5.42
C ASP A 205 -1.72 2.02 6.75
N GLY A 206 -2.89 1.77 7.34
CA GLY A 206 -3.20 2.42 8.60
C GLY A 206 -4.50 1.94 9.17
N LEU A 207 -4.68 2.25 10.45
CA LEU A 207 -5.89 1.93 11.17
C LEU A 207 -6.46 3.22 11.75
N GLU A 208 -7.77 3.23 11.92
CA GLU A 208 -8.42 4.38 12.53
C GLU A 208 -9.17 3.91 13.76
N LYS A 209 -8.97 4.62 14.88
CA LYS A 209 -9.79 4.44 16.07
C LYS A 209 -10.78 5.59 16.13
N ALA A 210 -12.06 5.27 16.24
CA ALA A 210 -13.11 6.29 16.29
C ALA A 210 -13.96 6.03 17.52
N ILE A 211 -14.01 6.99 18.42
CA ILE A 211 -14.78 6.82 19.65
C ILE A 211 -16.09 7.58 19.52
N TYR A 212 -17.19 6.84 19.58
CA TYR A 212 -18.50 7.45 19.43
C TYR A 212 -18.79 8.37 20.61
N GLN A 213 -19.28 9.57 20.30
CA GLN A 213 -19.55 10.60 21.30
C GLN A 213 -21.01 10.65 21.75
N GLY A 214 -21.86 9.77 21.24
CA GLY A 214 -23.28 9.91 21.45
C GLY A 214 -23.94 10.64 20.31
N PRO A 215 -25.27 10.53 20.22
CA PRO A 215 -25.98 11.17 19.10
C PRO A 215 -25.82 12.68 19.12
N SER A 216 -25.73 13.26 17.92
CA SER A 216 -25.54 14.71 17.77
C SER A 216 -26.29 15.25 16.57
N ASP B 3 -6.93 -28.79 -0.29
CA ASP B 3 -8.09 -28.17 0.37
C ASP B 3 -7.97 -26.67 0.37
N THR B 4 -9.01 -25.99 0.84
CA THR B 4 -9.01 -24.53 0.86
C THR B 4 -7.83 -24.04 1.68
N LYS B 5 -7.37 -22.85 1.34
CA LYS B 5 -6.17 -22.32 1.98
C LYS B 5 -6.40 -22.09 3.47
N GLU B 6 -7.64 -21.85 3.89
CA GLU B 6 -7.91 -21.65 5.30
C GLU B 6 -7.97 -22.97 6.06
N GLN B 7 -8.49 -24.02 5.40
CA GLN B 7 -8.50 -25.35 6.01
C GLN B 7 -7.09 -25.84 6.29
N ARG B 8 -6.12 -25.45 5.46
CA ARG B 8 -4.74 -25.87 5.68
C ARG B 8 -4.14 -25.18 6.90
N ILE B 9 -4.50 -23.91 7.11
CA ILE B 9 -4.06 -23.22 8.31
C ILE B 9 -4.65 -23.90 9.53
N LEU B 10 -5.93 -24.28 9.46
CA LEU B 10 -6.57 -24.95 10.59
C LEU B 10 -5.87 -26.27 10.89
N ARG B 11 -5.60 -27.06 9.84
CA ARG B 11 -4.92 -28.34 10.04
CA ARG B 11 -4.92 -28.34 10.04
C ARG B 11 -3.56 -28.14 10.67
N TYR B 12 -2.81 -27.12 10.22
CA TYR B 12 -1.51 -26.89 10.81
C TYR B 12 -1.65 -26.59 12.30
N VAL B 13 -2.66 -25.79 12.68
CA VAL B 13 -2.87 -25.51 14.10
C VAL B 13 -3.17 -26.80 14.86
N GLN B 14 -4.09 -27.60 14.33
CA GLN B 14 -4.53 -28.81 14.99
C GLN B 14 -3.42 -29.85 15.09
N GLN B 15 -2.40 -29.75 14.25
CA GLN B 15 -1.31 -30.70 14.26
C GLN B 15 -0.11 -30.22 15.08
N ASN B 16 -0.05 -28.92 15.42
CA ASN B 16 1.15 -28.38 16.07
C ASN B 16 0.88 -27.59 17.34
N ALA B 17 -0.26 -26.91 17.43
CA ALA B 17 -0.52 -26.12 18.62
C ALA B 17 -1.00 -26.99 19.77
N LYS B 18 -0.92 -26.45 20.97
CA LYS B 18 -1.43 -27.14 22.15
C LYS B 18 -2.92 -26.87 22.32
N PRO B 19 -3.77 -27.90 22.36
CA PRO B 19 -5.20 -27.68 22.63
C PRO B 19 -5.37 -26.88 23.93
N GLY B 20 -6.28 -25.90 23.91
CA GLY B 20 -6.54 -25.11 25.09
C GLY B 20 -5.59 -23.98 25.34
N ASP B 21 -4.63 -23.74 24.45
CA ASP B 21 -3.61 -22.69 24.64
C ASP B 21 -3.75 -21.65 23.54
N PRO B 22 -4.46 -20.54 23.77
CA PRO B 22 -4.62 -19.54 22.69
C PRO B 22 -3.32 -19.00 22.16
N GLN B 23 -2.35 -18.75 23.03
CA GLN B 23 -1.06 -18.25 22.57
C GLN B 23 -0.39 -19.23 21.61
N SER B 24 -0.45 -20.53 21.93
CA SER B 24 0.06 -21.57 21.05
C SER B 24 -0.64 -21.56 19.70
N VAL B 25 -1.98 -21.40 19.70
CA VAL B 25 -2.74 -21.34 18.46
C VAL B 25 -2.30 -20.12 17.64
N LEU B 26 -2.22 -18.95 18.29
CA LEU B 26 -1.78 -17.74 17.60
C LEU B 26 -0.38 -17.91 17.02
N GLU B 27 0.54 -18.49 17.80
CA GLU B 27 1.90 -18.67 17.29
C GLU B 27 1.95 -19.63 16.11
N ALA B 28 1.12 -20.68 16.14
CA ALA B 28 1.10 -21.65 15.04
C ALA B 28 0.59 -21.03 13.75
N ILE B 29 -0.49 -20.23 13.82
CA ILE B 29 -0.97 -19.52 12.65
C ILE B 29 0.10 -18.57 12.11
N ASP B 30 0.78 -17.86 13.01
CA ASP B 30 1.84 -16.96 12.57
C ASP B 30 2.94 -17.75 11.86
N THR B 31 3.39 -18.84 12.48
CA THR B 31 4.45 -19.67 11.90
C THR B 31 4.06 -20.14 10.51
N TYR B 32 2.84 -20.65 10.37
CA TYR B 32 2.43 -21.25 9.11
C TYR B 32 2.26 -20.19 8.02
N CYS B 33 1.67 -19.06 8.36
CA CYS B 33 1.43 -18.00 7.37
C CYS B 33 2.72 -17.40 6.86
N THR B 34 3.74 -17.30 7.72
CA THR B 34 5.02 -16.77 7.27
C THR B 34 5.66 -17.68 6.23
N GLN B 35 5.55 -19.00 6.40
CA GLN B 35 6.07 -19.93 5.40
C GLN B 35 5.40 -19.72 4.05
N LYS B 36 4.07 -19.67 4.04
CA LYS B 36 3.30 -19.77 2.81
C LYS B 36 3.24 -18.42 2.11
N GLU B 37 3.81 -18.36 0.91
CA GLU B 37 3.94 -17.10 0.16
C GLU B 37 2.60 -16.55 -0.32
N TRP B 38 1.57 -17.41 -0.42
CA TRP B 38 0.23 -16.94 -0.75
C TRP B 38 -0.49 -16.30 0.42
N ALA B 39 0.07 -16.45 1.63
CA ALA B 39 -0.65 -16.16 2.86
C ALA B 39 -0.42 -14.73 3.34
N MET B 40 -1.51 -14.10 3.80
CA MET B 40 -1.42 -12.82 4.47
C MET B 40 -0.65 -12.95 5.78
N ASN B 41 0.45 -12.21 5.90
CA ASN B 41 1.23 -12.30 7.13
C ASN B 41 0.55 -11.51 8.24
N VAL B 42 0.85 -11.92 9.47
CA VAL B 42 0.30 -11.30 10.67
C VAL B 42 1.16 -10.11 11.07
N GLY B 43 0.53 -8.99 11.38
CA GLY B 43 1.26 -7.80 11.78
C GLY B 43 1.54 -7.73 13.28
N ASP B 44 2.82 -7.61 13.64
CA ASP B 44 3.21 -7.55 15.05
C ASP B 44 2.65 -6.32 15.73
N ALA B 45 3.03 -5.13 15.24
CA ALA B 45 2.53 -3.89 15.82
C ALA B 45 1.01 -3.78 15.72
N LYS B 46 0.42 -4.30 14.63
CA LYS B 46 -1.03 -4.28 14.50
C LYS B 46 -1.70 -5.14 15.57
N GLY B 47 -1.15 -6.33 15.83
CA GLY B 47 -1.70 -7.13 16.91
C GLY B 47 -1.56 -6.44 18.25
N GLN B 48 -0.43 -5.75 18.47
CA GLN B 48 -0.25 -5.00 19.72
C GLN B 48 -1.24 -3.84 19.84
N ILE B 49 -1.60 -3.21 18.73
CA ILE B 49 -2.63 -2.17 18.80
C ILE B 49 -3.95 -2.78 19.23
N MET B 50 -4.32 -3.89 18.61
CA MET B 50 -5.56 -4.58 18.97
C MET B 50 -5.56 -4.98 20.44
N ASP B 51 -4.46 -5.60 20.92
CA ASP B 51 -4.37 -5.96 22.33
C ASP B 51 -4.55 -4.74 23.23
N ALA B 52 -3.88 -3.64 22.89
CA ALA B 52 -3.91 -2.47 23.77
C ALA B 52 -5.28 -1.84 23.81
N VAL B 53 -5.97 -1.81 22.66
CA VAL B 53 -7.32 -1.25 22.64
C VAL B 53 -8.24 -2.07 23.54
N ILE B 54 -8.12 -3.40 23.47
CA ILE B 54 -8.99 -4.23 24.30
C ILE B 54 -8.64 -4.06 25.79
N ARG B 55 -7.35 -4.02 26.12
CA ARG B 55 -6.98 -3.89 27.53
C ARG B 55 -7.33 -2.51 28.08
N GLU B 56 -7.29 -1.47 27.24
CA GLU B 56 -7.60 -0.12 27.71
C GLU B 56 -9.09 0.04 28.00
N TYR B 57 -9.95 -0.46 27.12
CA TYR B 57 -11.38 -0.22 27.26
C TYR B 57 -12.13 -1.35 27.95
N SER B 58 -11.51 -2.53 28.10
CA SER B 58 -12.11 -3.69 28.74
C SER B 58 -13.56 -3.90 28.28
N PRO B 59 -13.79 -4.07 26.99
CA PRO B 59 -15.18 -4.13 26.50
C PRO B 59 -15.86 -5.39 27.00
N SER B 60 -17.12 -5.24 27.43
CA SER B 60 -17.90 -6.41 27.78
C SER B 60 -18.56 -7.06 26.56
N LEU B 61 -18.73 -6.31 25.48
CA LEU B 61 -19.35 -6.85 24.27
C LEU B 61 -18.62 -6.26 23.07
N VAL B 62 -18.04 -7.13 22.25
CA VAL B 62 -17.28 -6.73 21.07
C VAL B 62 -18.00 -7.29 19.84
N LEU B 63 -18.08 -6.47 18.79
CA LEU B 63 -18.56 -6.92 17.48
C LEU B 63 -17.39 -6.91 16.51
N GLU B 64 -17.13 -8.06 15.89
CA GLU B 64 -16.11 -8.18 14.85
C GLU B 64 -16.76 -8.41 13.50
N LEU B 65 -16.46 -7.54 12.54
CA LEU B 65 -16.96 -7.69 11.16
C LEU B 65 -15.83 -8.24 10.29
N GLY B 66 -15.98 -9.50 9.87
CA GLY B 66 -14.99 -10.17 9.03
C GLY B 66 -14.10 -11.09 9.83
N ALA B 67 -14.33 -12.41 9.73
CA ALA B 67 -13.63 -13.41 10.53
C ALA B 67 -12.39 -13.97 9.84
N TYR B 68 -12.46 -14.17 8.53
CA TYR B 68 -11.38 -14.81 7.79
C TYR B 68 -11.17 -16.22 8.35
N CYS B 69 -10.04 -16.48 8.99
CA CYS B 69 -9.78 -17.84 9.44
C CYS B 69 -9.87 -17.99 10.95
N GLY B 70 -10.04 -16.90 11.70
CA GLY B 70 -10.17 -16.99 13.14
C GLY B 70 -8.99 -16.46 13.93
N TYR B 71 -7.92 -16.00 13.28
CA TYR B 71 -6.80 -15.41 14.00
C TYR B 71 -7.26 -14.26 14.89
N SER B 72 -7.98 -13.29 14.32
CA SER B 72 -8.38 -12.13 15.10
C SER B 72 -9.37 -12.51 16.19
N ALA B 73 -10.28 -13.45 15.90
CA ALA B 73 -11.24 -13.88 16.92
C ALA B 73 -10.54 -14.52 18.10
N VAL B 74 -9.53 -15.37 17.85
CA VAL B 74 -8.76 -15.93 18.95
C VAL B 74 -7.99 -14.83 19.70
N ARG B 75 -7.36 -13.93 18.94
CA ARG B 75 -6.52 -12.91 19.54
C ARG B 75 -7.31 -11.97 20.46
N MET B 76 -8.53 -11.62 20.08
CA MET B 76 -9.38 -10.74 20.89
C MET B 76 -10.03 -11.50 22.02
N ALA B 77 -10.60 -12.68 21.73
CA ALA B 77 -11.33 -13.40 22.77
C ALA B 77 -10.41 -13.84 23.89
N ARG B 78 -9.12 -14.01 23.61
CA ARG B 78 -8.22 -14.43 24.67
C ARG B 78 -8.02 -13.36 25.73
N LEU B 79 -8.32 -12.09 25.41
CA LEU B 79 -8.17 -11.00 26.36
C LEU B 79 -9.48 -10.55 26.99
N LEU B 80 -10.60 -11.15 26.60
CA LEU B 80 -11.88 -10.77 27.19
C LEU B 80 -11.97 -11.24 28.64
N GLN B 81 -12.55 -10.40 29.49
CA GLN B 81 -12.76 -10.76 30.88
C GLN B 81 -13.87 -11.80 30.99
N PRO B 82 -13.92 -12.55 32.09
CA PRO B 82 -15.03 -13.49 32.28
C PRO B 82 -16.37 -12.77 32.22
N GLY B 83 -17.32 -13.39 31.52
CA GLY B 83 -18.62 -12.80 31.30
C GLY B 83 -18.74 -12.02 29.99
N ALA B 84 -17.64 -11.45 29.50
CA ALA B 84 -17.64 -10.71 28.24
C ALA B 84 -17.81 -11.65 27.06
N ARG B 85 -18.36 -11.13 25.97
CA ARG B 85 -18.48 -11.96 24.78
C ARG B 85 -18.10 -11.19 23.53
N LEU B 86 -17.68 -11.95 22.53
CA LEU B 86 -17.38 -11.47 21.21
C LEU B 86 -18.43 -12.00 20.25
N LEU B 87 -18.95 -11.14 19.40
CA LEU B 87 -19.81 -11.53 18.29
C LEU B 87 -19.04 -11.31 17.01
N THR B 88 -18.99 -12.33 16.16
CA THR B 88 -18.19 -12.31 14.95
C THR B 88 -19.11 -12.56 13.77
N MET B 89 -19.08 -11.67 12.80
CA MET B 89 -19.88 -11.82 11.60
C MET B 89 -18.95 -12.15 10.44
N GLU B 90 -19.33 -13.17 9.67
CA GLU B 90 -18.49 -13.70 8.61
C GLU B 90 -19.43 -14.13 7.49
N ILE B 91 -19.16 -13.65 6.28
CA ILE B 91 -20.09 -13.93 5.19
C ILE B 91 -19.80 -15.27 4.51
N ASN B 92 -18.56 -15.75 4.58
CA ASN B 92 -18.17 -16.99 3.91
C ASN B 92 -18.42 -18.17 4.85
N PRO B 93 -19.29 -19.13 4.46
CA PRO B 93 -19.60 -20.25 5.37
C PRO B 93 -18.39 -21.12 5.73
N ASP B 94 -17.46 -21.37 4.80
CA ASP B 94 -16.30 -22.18 5.14
CA ASP B 94 -16.29 -22.18 5.14
C ASP B 94 -15.40 -21.44 6.14
N CYS B 95 -15.28 -20.12 6.00
CA CYS B 95 -14.50 -19.33 6.97
C CYS B 95 -15.15 -19.32 8.34
N ALA B 96 -16.48 -19.20 8.38
CA ALA B 96 -17.18 -19.26 9.67
C ALA B 96 -16.94 -20.60 10.35
N ALA B 97 -16.96 -21.70 9.58
CA ALA B 97 -16.73 -23.02 10.18
C ALA B 97 -15.31 -23.17 10.68
N ILE B 98 -14.34 -22.66 9.92
CA ILE B 98 -12.94 -22.75 10.32
C ILE B 98 -12.70 -21.90 11.56
N THR B 99 -13.27 -20.69 11.59
CA THR B 99 -13.15 -19.85 12.77
C THR B 99 -13.67 -20.56 14.01
N GLN B 100 -14.81 -21.24 13.89
CA GLN B 100 -15.36 -21.97 15.01
C GLN B 100 -14.41 -23.07 15.48
N GLN B 101 -13.80 -23.78 14.52
CA GLN B 101 -12.84 -24.83 14.86
C GLN B 101 -11.58 -24.26 15.49
N MET B 102 -11.14 -23.09 15.02
CA MET B 102 -9.96 -22.46 15.62
C MET B 102 -10.25 -22.12 17.08
N LEU B 103 -11.42 -21.57 17.35
CA LEU B 103 -11.79 -21.17 18.71
C LEU B 103 -11.95 -22.38 19.60
N ASN B 104 -12.48 -23.47 19.05
CA ASN B 104 -12.60 -24.72 19.79
C ASN B 104 -11.23 -25.26 20.18
N PHE B 105 -10.26 -25.16 19.26
CA PHE B 105 -8.94 -25.70 19.57
C PHE B 105 -8.27 -24.85 20.62
N ALA B 106 -8.45 -23.52 20.55
CA ALA B 106 -7.91 -22.61 21.53
C ALA B 106 -8.63 -22.70 22.88
N GLY B 107 -9.79 -23.34 22.94
CA GLY B 107 -10.57 -23.37 24.17
C GLY B 107 -11.35 -22.10 24.46
N LEU B 108 -11.64 -21.29 23.43
CA LEU B 108 -12.28 -19.99 23.62
C LEU B 108 -13.73 -19.98 23.15
N GLN B 109 -14.30 -21.14 22.83
CA GLN B 109 -15.59 -21.13 22.13
C GLN B 109 -16.73 -20.57 22.99
N ASP B 110 -16.60 -20.62 24.32
CA ASP B 110 -17.68 -20.14 25.18
C ASP B 110 -17.77 -18.62 25.20
N LYS B 111 -16.73 -17.92 24.74
CA LYS B 111 -16.73 -16.47 24.75
C LYS B 111 -17.23 -15.87 23.45
N VAL B 112 -17.49 -16.67 22.43
CA VAL B 112 -17.68 -16.16 21.09
C VAL B 112 -18.97 -16.72 20.51
N THR B 113 -19.67 -15.89 19.75
CA THR B 113 -20.82 -16.30 18.94
C THR B 113 -20.51 -15.94 17.49
N ILE B 114 -20.43 -16.94 16.63
CA ILE B 114 -20.17 -16.69 15.21
C ILE B 114 -21.49 -16.61 14.46
N LEU B 115 -21.67 -15.54 13.71
CA LEU B 115 -22.87 -15.31 12.89
C LEU B 115 -22.46 -15.34 11.43
N ASN B 116 -22.99 -16.32 10.68
CA ASN B 116 -22.66 -16.48 9.26
C ASN B 116 -23.70 -15.72 8.46
N GLY B 117 -23.28 -14.63 7.82
CA GLY B 117 -24.17 -13.86 6.98
C GLY B 117 -23.57 -12.49 6.70
N ALA B 118 -24.39 -11.65 6.08
CA ALA B 118 -23.97 -10.30 5.71
C ALA B 118 -24.19 -9.35 6.87
N SER B 119 -23.22 -8.47 7.10
CA SER B 119 -23.29 -7.52 8.20
C SER B 119 -24.58 -6.70 8.18
N GLN B 120 -25.01 -6.18 7.01
CA GLN B 120 -26.19 -5.31 7.05
C GLN B 120 -27.49 -6.09 7.25
N ASP B 121 -27.47 -7.42 7.08
CA ASP B 121 -28.63 -8.22 7.43
C ASP B 121 -28.61 -8.59 8.92
N LEU B 122 -27.43 -8.82 9.48
CA LEU B 122 -27.33 -9.33 10.85
C LEU B 122 -27.39 -8.22 11.88
N ILE B 123 -26.77 -7.06 11.59
CA ILE B 123 -26.76 -5.95 12.55
C ILE B 123 -28.16 -5.58 13.02
N PRO B 124 -29.18 -5.45 12.16
CA PRO B 124 -30.53 -5.11 12.68
C PRO B 124 -31.15 -6.16 13.58
N GLN B 125 -30.61 -7.39 13.59
CA GLN B 125 -31.14 -8.47 14.39
C GLN B 125 -30.49 -8.59 15.76
N LEU B 126 -29.44 -7.81 16.03
CA LEU B 126 -28.68 -8.02 17.26
C LEU B 126 -29.54 -7.81 18.51
N LYS B 127 -30.27 -6.69 18.58
CA LYS B 127 -31.01 -6.38 19.79
C LYS B 127 -32.05 -7.46 20.10
N LYS B 128 -32.90 -7.78 19.12
CA LYS B 128 -34.02 -8.69 19.36
C LYS B 128 -33.55 -10.14 19.48
N LYS B 129 -32.68 -10.56 18.57
CA LYS B 129 -32.35 -11.98 18.43
C LYS B 129 -31.17 -12.41 19.29
N TYR B 130 -30.21 -11.51 19.55
CA TYR B 130 -29.01 -11.86 20.29
C TYR B 130 -28.86 -11.06 21.58
N ASP B 131 -29.94 -10.40 22.02
CA ASP B 131 -30.03 -9.77 23.34
C ASP B 131 -28.92 -8.74 23.56
N VAL B 132 -28.66 -7.92 22.55
CA VAL B 132 -27.68 -6.86 22.65
C VAL B 132 -28.39 -5.58 23.10
N ASP B 133 -27.80 -4.88 24.06
CA ASP B 133 -28.25 -3.53 24.34
C ASP B 133 -27.46 -2.57 23.47
N THR B 134 -26.22 -2.28 23.86
CA THR B 134 -25.31 -1.49 23.06
C THR B 134 -23.96 -2.20 23.05
N LEU B 135 -23.16 -1.91 22.02
CA LEU B 135 -21.85 -2.52 21.84
C LEU B 135 -20.78 -1.66 22.50
N ASP B 136 -19.78 -2.31 23.08
CA ASP B 136 -18.67 -1.59 23.70
C ASP B 136 -17.53 -1.33 22.74
N MET B 137 -17.36 -2.18 21.74
CA MET B 137 -16.26 -2.05 20.80
C MET B 137 -16.64 -2.74 19.51
N VAL B 138 -16.21 -2.16 18.39
CA VAL B 138 -16.48 -2.70 17.05
C VAL B 138 -15.17 -2.74 16.29
N PHE B 139 -14.81 -3.92 15.77
CA PHE B 139 -13.66 -4.08 14.88
C PHE B 139 -14.17 -4.21 13.44
N LEU B 140 -13.83 -3.23 12.60
CA LEU B 140 -14.22 -3.22 11.19
C LEU B 140 -13.10 -3.80 10.37
N ASP B 141 -13.33 -4.99 9.82
CA ASP B 141 -12.30 -5.64 9.02
C ASP B 141 -12.92 -6.46 7.88
N HIS B 142 -14.07 -6.02 7.38
CA HIS B 142 -14.75 -6.75 6.32
C HIS B 142 -14.61 -6.00 4.99
N TRP B 143 -15.63 -6.01 4.12
CA TRP B 143 -15.50 -5.38 2.81
C TRP B 143 -15.34 -3.86 2.99
N LYS B 144 -14.29 -3.29 2.39
CA LYS B 144 -13.93 -1.90 2.70
C LYS B 144 -15.03 -0.92 2.30
N ASP B 145 -15.77 -1.21 1.24
CA ASP B 145 -16.85 -0.32 0.84
C ASP B 145 -18.03 -0.40 1.78
N ARG B 146 -17.98 -1.27 2.80
CA ARG B 146 -19.07 -1.37 3.77
C ARG B 146 -18.78 -0.67 5.09
N TYR B 147 -17.56 -0.15 5.31
CA TYR B 147 -17.27 0.46 6.61
C TYR B 147 -18.22 1.61 6.90
N LEU B 148 -18.39 2.51 5.92
CA LEU B 148 -19.25 3.68 6.14
C LEU B 148 -20.71 3.29 6.28
N PRO B 149 -21.35 2.58 5.33
CA PRO B 149 -22.77 2.25 5.54
C PRO B 149 -23.04 1.42 6.79
N ASP B 150 -22.15 0.47 7.15
CA ASP B 150 -22.40 -0.28 8.37
C ASP B 150 -22.21 0.56 9.62
N THR B 151 -21.30 1.53 9.59
CA THR B 151 -21.20 2.45 10.72
C THR B 151 -22.50 3.26 10.85
N LEU B 152 -22.99 3.81 9.74
CA LEU B 152 -24.25 4.55 9.80
C LEU B 152 -25.39 3.65 10.27
N LEU B 153 -25.38 2.37 9.86
CA LEU B 153 -26.42 1.44 10.29
C LEU B 153 -26.31 1.13 11.79
N LEU B 154 -25.09 0.94 12.29
CA LEU B 154 -24.93 0.74 13.72
C LEU B 154 -25.50 1.91 14.50
N GLU B 155 -25.30 3.14 14.00
CA GLU B 155 -25.90 4.31 14.64
C GLU B 155 -27.41 4.25 14.58
N LYS B 156 -27.96 4.09 13.37
CA LYS B 156 -29.40 4.09 13.19
C LYS B 156 -30.09 3.03 14.04
N CYS B 157 -29.44 1.89 14.26
CA CYS B 157 -30.02 0.83 15.09
C CYS B 157 -29.87 1.06 16.59
N GLY B 158 -29.27 2.16 17.01
CA GLY B 158 -29.09 2.40 18.43
C GLY B 158 -28.13 1.44 19.10
N LEU B 159 -27.14 0.93 18.37
CA LEU B 159 -26.21 -0.06 18.92
C LEU B 159 -24.93 0.57 19.48
N LEU B 160 -24.68 1.85 19.22
CA LEU B 160 -23.51 2.52 19.76
C LEU B 160 -23.93 3.43 20.91
N ARG B 161 -23.11 3.48 21.95
CA ARG B 161 -23.34 4.40 23.06
C ARG B 161 -22.12 5.30 23.16
N LYS B 162 -22.21 6.34 24.01
CA LYS B 162 -21.07 7.22 24.20
C LYS B 162 -19.91 6.44 24.80
N GLY B 163 -18.73 6.60 24.23
CA GLY B 163 -17.59 5.80 24.61
C GLY B 163 -17.38 4.53 23.81
N THR B 164 -18.30 4.15 22.90
CA THR B 164 -18.09 2.95 22.09
C THR B 164 -16.86 3.16 21.19
N VAL B 165 -15.98 2.16 21.15
CA VAL B 165 -14.74 2.25 20.40
C VAL B 165 -14.88 1.51 19.08
N LEU B 166 -14.69 2.23 17.97
CA LEU B 166 -14.56 1.61 16.66
C LEU B 166 -13.08 1.59 16.28
N LEU B 167 -12.59 0.41 15.91
CA LEU B 167 -11.25 0.26 15.34
C LEU B 167 -11.40 -0.29 13.92
N ALA B 168 -10.94 0.47 12.93
CA ALA B 168 -11.04 0.07 11.52
C ALA B 168 -9.66 -0.20 10.95
N ASP B 169 -9.51 -1.36 10.31
CA ASP B 169 -8.25 -1.74 9.69
C ASP B 169 -8.28 -1.45 8.19
N ASN B 170 -7.09 -1.25 7.60
CA ASN B 170 -6.93 -1.04 6.16
C ASN B 170 -7.61 0.23 5.66
N VAL B 171 -7.56 1.33 6.44
CA VAL B 171 -8.26 2.52 5.99
C VAL B 171 -7.50 3.30 4.92
N ILE B 172 -6.26 2.90 4.62
CA ILE B 172 -5.43 3.55 3.62
C ILE B 172 -5.25 2.66 2.39
N VAL B 173 -5.00 1.37 2.59
CA VAL B 173 -4.86 0.41 1.51
C VAL B 173 -5.76 -0.78 1.87
N PRO B 174 -6.78 -1.09 1.06
CA PRO B 174 -7.17 -0.44 -0.20
C PRO B 174 -7.72 0.98 -0.01
N GLY B 175 -8.14 1.29 1.20
CA GLY B 175 -8.51 2.65 1.52
C GLY B 175 -10.01 2.76 1.74
N THR B 176 -10.40 3.55 2.73
CA THR B 176 -11.80 3.86 2.99
C THR B 176 -11.93 5.37 3.18
N PRO B 177 -11.67 6.14 2.12
CA PRO B 177 -11.67 7.60 2.28
C PRO B 177 -13.03 8.18 2.69
N ASP B 178 -14.14 7.61 2.22
CA ASP B 178 -15.44 8.19 2.61
C ASP B 178 -15.75 7.90 4.07
N PHE B 179 -15.42 6.70 4.54
CA PHE B 179 -15.56 6.38 5.96
C PHE B 179 -14.71 7.32 6.81
N LEU B 180 -13.45 7.55 6.42
CA LEU B 180 -12.59 8.46 7.17
C LEU B 180 -13.14 9.88 7.15
N ALA B 181 -13.58 10.35 5.98
CA ALA B 181 -14.16 11.70 5.89
C ALA B 181 -15.36 11.83 6.82
N TYR B 182 -16.17 10.79 6.92
CA TYR B 182 -17.35 10.85 7.78
C TYR B 182 -16.96 10.92 9.26
N VAL B 183 -16.18 9.95 9.76
CA VAL B 183 -15.97 9.94 11.22
C VAL B 183 -15.04 11.07 11.65
N ARG B 184 -14.11 11.48 10.79
CA ARG B 184 -13.27 12.60 11.18
C ARG B 184 -14.08 13.91 11.17
N GLY B 185 -14.91 14.11 10.14
CA GLY B 185 -15.66 15.34 10.05
C GLY B 185 -16.87 15.39 10.98
N SER B 186 -17.38 14.24 11.39
CA SER B 186 -18.52 14.22 12.30
C SER B 186 -18.11 14.51 13.72
N SER B 187 -18.89 15.36 14.39
CA SER B 187 -18.69 15.59 15.82
C SER B 187 -19.12 14.42 16.67
N SER B 188 -19.76 13.40 16.09
CA SER B 188 -20.11 12.20 16.82
C SER B 188 -18.95 11.23 17.00
N PHE B 189 -17.77 11.50 16.43
CA PHE B 189 -16.63 10.58 16.57
C PHE B 189 -15.36 11.37 16.85
N GLU B 190 -14.61 10.93 17.87
CA GLU B 190 -13.25 11.41 18.11
C GLU B 190 -12.27 10.38 17.56
N CYS B 191 -11.38 10.82 16.66
CA CYS B 191 -10.60 9.92 15.84
C CYS B 191 -9.10 10.05 16.11
N THR B 192 -8.40 8.92 16.02
CA THR B 192 -6.95 8.82 16.11
C THR B 192 -6.48 7.87 15.02
N HIS B 193 -5.38 8.21 14.35
CA HIS B 193 -4.86 7.41 13.25
C HIS B 193 -3.56 6.71 13.66
N TYR B 194 -3.43 5.44 13.29
CA TYR B 194 -2.19 4.67 13.52
C TYR B 194 -1.67 4.19 12.18
N SER B 195 -0.42 4.55 11.86
CA SER B 195 0.16 4.05 10.63
C SER B 195 0.54 2.58 10.78
N SER B 196 0.55 1.88 9.64
CA SER B 196 0.93 0.47 9.63
CA SER B 196 0.91 0.47 9.63
C SER B 196 1.59 0.15 8.30
N TYR B 197 2.11 -1.06 8.18
CA TYR B 197 2.82 -1.47 6.99
C TYR B 197 2.23 -2.80 6.55
N LEU B 198 1.95 -2.93 5.25
CA LEU B 198 1.41 -4.16 4.67
C LEU B 198 2.47 -4.81 3.79
N GLU B 199 2.85 -6.04 4.13
CA GLU B 199 3.75 -6.75 3.24
C GLU B 199 3.06 -7.12 1.93
N TYR B 200 1.81 -7.57 2.00
CA TYR B 200 1.12 -8.12 0.85
C TYR B 200 -0.37 -7.94 1.00
N MET B 201 -1.05 -7.57 -0.08
CA MET B 201 -2.51 -7.60 -0.09
C MET B 201 -3.00 -7.76 -1.52
N LYS B 202 -4.01 -8.60 -1.71
CA LYS B 202 -4.63 -8.81 -3.01
C LYS B 202 -6.05 -8.30 -2.99
N VAL B 203 -6.43 -7.50 -3.99
CA VAL B 203 -7.78 -6.93 -4.06
C VAL B 203 -8.37 -7.26 -5.42
N VAL B 204 -9.68 -7.09 -5.54
CA VAL B 204 -10.34 -7.28 -6.83
C VAL B 204 -10.03 -6.08 -7.72
N ASP B 205 -9.67 -6.35 -8.98
CA ASP B 205 -9.54 -5.34 -10.02
C ASP B 205 -10.12 -5.94 -11.29
N GLY B 206 -10.13 -5.17 -12.38
CA GLY B 206 -10.63 -5.76 -13.61
C GLY B 206 -10.21 -4.95 -14.82
N LEU B 207 -10.43 -5.55 -16.00
CA LEU B 207 -10.20 -4.90 -17.27
C LEU B 207 -11.54 -4.72 -17.96
N GLU B 208 -11.74 -3.54 -18.57
CA GLU B 208 -12.96 -3.28 -19.31
C GLU B 208 -12.65 -3.39 -20.81
N LYS B 209 -13.42 -4.20 -21.52
CA LYS B 209 -13.39 -4.20 -22.98
C LYS B 209 -14.57 -3.38 -23.47
N ALA B 210 -14.28 -2.26 -24.15
CA ALA B 210 -15.28 -1.34 -24.68
C ALA B 210 -15.09 -1.25 -26.18
N ILE B 211 -16.04 -1.78 -26.94
CA ILE B 211 -15.94 -1.88 -28.39
C ILE B 211 -16.72 -0.72 -29.00
N TYR B 212 -16.01 0.15 -29.71
CA TYR B 212 -16.67 1.31 -30.31
C TYR B 212 -17.66 0.87 -31.37
N GLN B 213 -18.82 1.51 -31.36
CA GLN B 213 -19.88 1.19 -32.29
C GLN B 213 -20.07 2.25 -33.37
N GLY B 214 -19.39 3.39 -33.28
CA GLY B 214 -19.72 4.54 -34.09
C GLY B 214 -20.77 5.38 -33.38
N PRO B 215 -20.92 6.66 -33.78
CA PRO B 215 -21.92 7.55 -33.20
C PRO B 215 -23.36 7.10 -33.49
N ASP C 3 -0.79 4.93 -12.45
CA ASP C 3 -1.25 6.01 -11.57
C ASP C 3 -1.51 5.50 -10.14
N THR C 4 -0.67 5.92 -9.20
CA THR C 4 -0.79 5.50 -7.80
C THR C 4 -1.00 6.70 -6.90
N LYS C 5 -1.43 6.42 -5.67
CA LYS C 5 -1.72 7.47 -4.71
C LYS C 5 -0.50 8.36 -4.46
N GLU C 6 0.70 7.77 -4.47
CA GLU C 6 1.92 8.54 -4.24
C GLU C 6 2.39 9.22 -5.53
N GLN C 7 2.16 8.59 -6.67
CA GLN C 7 2.53 9.18 -7.96
C GLN C 7 1.76 10.46 -8.24
N ARG C 8 0.52 10.55 -7.75
CA ARG C 8 -0.28 11.76 -7.94
C ARG C 8 0.19 12.91 -7.05
N ILE C 9 0.71 12.60 -5.85
CA ILE C 9 1.32 13.65 -5.03
C ILE C 9 2.47 14.28 -5.77
N LEU C 10 3.29 13.45 -6.43
CA LEU C 10 4.41 13.98 -7.20
C LEU C 10 3.92 14.83 -8.37
N ARG C 11 2.88 14.38 -9.08
CA ARG C 11 2.34 15.19 -10.17
C ARG C 11 1.78 16.51 -9.63
N TYR C 12 1.16 16.46 -8.45
CA TYR C 12 0.63 17.68 -7.86
C TYR C 12 1.75 18.64 -7.46
N VAL C 13 2.84 18.12 -6.91
CA VAL C 13 3.99 18.96 -6.59
C VAL C 13 4.54 19.59 -7.87
N GLN C 14 4.74 18.77 -8.90
CA GLN C 14 5.37 19.26 -10.13
C GLN C 14 4.55 20.36 -10.78
N GLN C 15 3.22 20.31 -10.63
CA GLN C 15 2.33 21.27 -11.24
C GLN C 15 1.88 22.39 -10.30
N ASN C 16 2.53 22.52 -9.14
CA ASN C 16 2.05 23.50 -8.16
C ASN C 16 3.17 24.15 -7.34
N ALA C 17 4.27 23.44 -7.14
CA ALA C 17 5.32 23.96 -6.29
C ALA C 17 6.35 24.73 -7.11
N LYS C 18 7.18 25.48 -6.40
CA LYS C 18 8.25 26.26 -7.03
C LYS C 18 9.51 25.39 -7.12
N PRO C 19 10.05 25.15 -8.31
CA PRO C 19 11.24 24.29 -8.42
C PRO C 19 12.40 24.83 -7.60
N GLY C 20 13.20 23.89 -7.08
CA GLY C 20 14.36 24.24 -6.27
C GLY C 20 14.05 24.81 -4.91
N ASP C 21 12.78 24.92 -4.52
CA ASP C 21 12.39 25.50 -3.24
C ASP C 21 11.81 24.41 -2.35
N PRO C 22 12.61 23.86 -1.41
CA PRO C 22 12.08 22.78 -0.55
C PRO C 22 10.86 23.17 0.24
N GLN C 23 10.74 24.45 0.62
CA GLN C 23 9.60 24.89 1.41
C GLN C 23 8.30 24.76 0.62
N SER C 24 8.28 25.24 -0.62
CA SER C 24 7.03 25.18 -1.38
C SER C 24 6.69 23.74 -1.76
N VAL C 25 7.70 22.88 -1.88
CA VAL C 25 7.44 21.46 -2.08
C VAL C 25 6.75 20.86 -0.85
N LEU C 26 7.27 21.16 0.34
CA LEU C 26 6.60 20.69 1.55
C LEU C 26 5.20 21.28 1.65
N GLU C 27 5.06 22.58 1.36
CA GLU C 27 3.74 23.20 1.43
C GLU C 27 2.80 22.61 0.40
N ALA C 28 3.31 22.25 -0.78
CA ALA C 28 2.47 21.61 -1.78
C ALA C 28 1.99 20.25 -1.32
N ILE C 29 2.86 19.45 -0.70
CA ILE C 29 2.43 18.17 -0.17
C ILE C 29 1.45 18.37 0.98
N ASP C 30 1.78 19.27 1.92
CA ASP C 30 0.86 19.59 3.01
C ASP C 30 -0.48 20.04 2.46
N THR C 31 -0.47 20.91 1.45
CA THR C 31 -1.72 21.36 0.83
C THR C 31 -2.49 20.16 0.28
N TYR C 32 -1.81 19.31 -0.48
CA TYR C 32 -2.46 18.18 -1.13
C TYR C 32 -3.08 17.24 -0.10
N CYS C 33 -2.30 16.84 0.91
CA CYS C 33 -2.78 15.84 1.87
C CYS C 33 -3.89 16.38 2.76
N THR C 34 -3.94 17.70 2.96
CA THR C 34 -5.00 18.26 3.80
C THR C 34 -6.33 18.36 3.06
N GLN C 35 -6.30 18.46 1.73
CA GLN C 35 -7.52 18.39 0.92
C GLN C 35 -8.29 17.12 1.26
N LYS C 36 -7.74 15.97 0.88
CA LYS C 36 -8.33 14.69 1.27
C LYS C 36 -7.74 14.19 2.59
N ALA C 39 -6.23 14.37 5.87
CA ALA C 39 -7.07 15.43 6.45
C ALA C 39 -6.39 16.02 7.68
N MET C 40 -5.69 15.16 8.44
CA MET C 40 -4.95 15.58 9.62
C MET C 40 -3.55 16.02 9.24
N ASN C 41 -3.09 17.13 9.82
CA ASN C 41 -1.81 17.72 9.43
C ASN C 41 -0.63 17.01 10.10
N VAL C 42 -0.47 15.73 9.75
CA VAL C 42 0.62 14.94 10.31
C VAL C 42 1.97 15.51 9.90
N GLY C 43 2.05 16.05 8.68
CA GLY C 43 3.28 16.69 8.24
C GLY C 43 3.78 17.72 9.24
N ASP C 44 2.87 18.55 9.74
CA ASP C 44 3.24 19.54 10.74
C ASP C 44 3.49 18.91 12.10
N ALA C 45 2.57 18.04 12.54
CA ALA C 45 2.73 17.39 13.84
C ALA C 45 4.06 16.66 13.93
N LYS C 46 4.35 15.85 12.92
CA LYS C 46 5.60 15.08 12.89
C LYS C 46 6.79 15.96 12.54
N GLY C 47 6.62 16.85 11.55
CA GLY C 47 7.73 17.64 11.05
C GLY C 47 8.24 18.67 12.04
N GLN C 48 7.35 19.21 12.88
CA GLN C 48 7.78 20.16 13.90
C GLN C 48 8.77 19.50 14.85
N ILE C 49 8.56 18.22 15.18
CA ILE C 49 9.46 17.54 16.11
C ILE C 49 10.76 17.22 15.41
N MET C 50 10.69 16.74 14.15
CA MET C 50 11.87 16.46 13.36
C MET C 50 12.74 17.71 13.22
N ASP C 51 12.12 18.84 12.86
CA ASP C 51 12.89 20.08 12.74
C ASP C 51 13.63 20.39 14.03
N ALA C 52 12.92 20.38 15.17
CA ALA C 52 13.54 20.77 16.42
C ALA C 52 14.69 19.83 16.79
N VAL C 53 14.53 18.54 16.50
CA VAL C 53 15.59 17.59 16.82
C VAL C 53 16.81 17.82 15.95
N ILE C 54 16.60 18.04 14.65
CA ILE C 54 17.71 18.27 13.72
C ILE C 54 18.43 19.56 14.08
N ARG C 55 17.68 20.62 14.41
CA ARG C 55 18.32 21.89 14.71
C ARG C 55 19.09 21.82 16.02
N GLU C 56 18.63 21.01 16.99
CA GLU C 56 19.35 20.92 18.25
C GLU C 56 20.66 20.17 18.10
N TYR C 57 20.69 19.12 17.27
CA TYR C 57 21.85 18.25 17.23
C TYR C 57 22.73 18.44 16.01
N SER C 58 22.32 19.27 15.04
CA SER C 58 23.06 19.52 13.80
C SER C 58 23.78 18.28 13.29
N PRO C 59 23.05 17.19 13.03
CA PRO C 59 23.72 15.97 12.55
C PRO C 59 24.37 16.19 11.19
N SER C 60 25.54 15.58 11.01
CA SER C 60 26.22 15.59 9.72
C SER C 60 25.93 14.35 8.89
N LEU C 61 25.51 13.26 9.52
CA LEU C 61 25.14 12.03 8.83
C LEU C 61 23.84 11.52 9.44
N VAL C 62 22.77 11.53 8.65
CA VAL C 62 21.45 11.08 9.07
C VAL C 62 21.09 9.84 8.27
N LEU C 63 20.62 8.79 8.96
CA LEU C 63 20.03 7.62 8.32
C LEU C 63 18.52 7.67 8.52
N GLU C 64 17.80 7.60 7.41
CA GLU C 64 16.34 7.60 7.42
C GLU C 64 15.86 6.21 7.02
N LEU C 65 15.13 5.55 7.91
CA LEU C 65 14.51 4.26 7.63
C LEU C 65 13.07 4.49 7.18
N GLY C 66 12.79 4.28 5.90
CA GLY C 66 11.47 4.53 5.32
C GLY C 66 11.38 5.90 4.68
N ALA C 67 10.88 5.98 3.45
CA ALA C 67 10.74 7.27 2.76
C ALA C 67 9.31 7.58 2.33
N TYR C 68 8.53 6.56 1.99
CA TYR C 68 7.18 6.79 1.48
C TYR C 68 7.25 7.75 0.29
N CYS C 69 6.54 8.87 0.33
CA CYS C 69 6.50 9.77 -0.82
C CYS C 69 7.62 10.83 -0.83
N GLY C 70 8.55 10.78 0.13
CA GLY C 70 9.65 11.71 0.12
C GLY C 70 9.46 12.96 0.97
N TYR C 71 8.32 13.10 1.62
CA TYR C 71 8.06 14.29 2.44
C TYR C 71 9.10 14.42 3.55
N SER C 72 9.32 13.34 4.30
CA SER C 72 10.28 13.39 5.39
C SER C 72 11.70 13.61 4.89
N ALA C 73 12.04 13.08 3.70
CA ALA C 73 13.39 13.29 3.20
C ALA C 73 13.62 14.75 2.84
N VAL C 74 12.66 15.37 2.14
CA VAL C 74 12.74 16.80 1.86
C VAL C 74 12.75 17.60 3.16
N ARG C 75 11.99 17.15 4.16
CA ARG C 75 11.88 17.86 5.42
C ARG C 75 13.23 17.92 6.14
N MET C 76 13.94 16.80 6.20
CA MET C 76 15.22 16.77 6.91
C MET C 76 16.36 17.31 6.06
N ALA C 77 16.37 17.00 4.76
CA ALA C 77 17.49 17.42 3.93
C ALA C 77 17.59 18.93 3.82
N ARG C 78 16.45 19.62 3.84
CA ARG C 78 16.46 21.08 3.71
C ARG C 78 17.12 21.75 4.90
N LEU C 79 17.27 21.05 6.01
CA LEU C 79 17.85 21.62 7.23
C LEU C 79 19.32 21.23 7.41
N LEU C 80 19.85 20.37 6.55
CA LEU C 80 21.20 19.87 6.74
C LEU C 80 22.24 20.93 6.35
N GLN C 81 23.26 21.05 7.18
CA GLN C 81 24.33 21.99 6.90
CA GLN C 81 24.33 21.98 6.91
C GLN C 81 25.11 21.55 5.68
N PRO C 82 25.81 22.47 5.02
CA PRO C 82 26.61 22.08 3.84
C PRO C 82 27.61 20.98 4.18
N GLY C 83 27.67 19.97 3.31
CA GLY C 83 28.50 18.81 3.52
C GLY C 83 27.86 17.68 4.30
N ALA C 84 26.62 17.86 4.76
CA ALA C 84 25.91 16.81 5.48
C ALA C 84 25.21 15.89 4.49
N ARG C 85 25.19 14.61 4.80
CA ARG C 85 24.56 13.59 3.96
C ARG C 85 23.33 13.03 4.66
N LEU C 86 22.31 12.74 3.87
CA LEU C 86 21.16 11.95 4.29
C LEU C 86 21.20 10.65 3.51
N LEU C 87 21.19 9.52 4.21
CA LEU C 87 21.01 8.22 3.59
C LEU C 87 19.59 7.76 3.88
N THR C 88 18.85 7.41 2.84
CA THR C 88 17.43 7.08 2.95
C THR C 88 17.19 5.68 2.41
N MET C 89 16.71 4.79 3.28
CA MET C 89 16.38 3.43 2.90
C MET C 89 14.87 3.31 2.71
N GLU C 90 14.47 2.74 1.57
CA GLU C 90 13.06 2.59 1.21
C GLU C 90 12.93 1.26 0.48
N ILE C 91 12.05 0.40 1.00
CA ILE C 91 12.00 -0.94 0.44
C ILE C 91 11.13 -0.98 -0.81
N ASN C 92 10.14 -0.10 -0.92
CA ASN C 92 9.22 -0.16 -2.06
C ASN C 92 9.85 0.58 -3.23
N PRO C 93 10.07 -0.07 -4.39
CA PRO C 93 10.81 0.60 -5.46
C PRO C 93 10.05 1.78 -6.05
N ASP C 94 8.71 1.74 -6.06
CA ASP C 94 7.95 2.88 -6.57
C ASP C 94 8.08 4.07 -5.63
N CYS C 95 8.09 3.84 -4.32
CA CYS C 95 8.26 4.94 -3.39
C CYS C 95 9.68 5.50 -3.44
N ALA C 96 10.68 4.62 -3.65
CA ALA C 96 12.04 5.11 -3.82
C ALA C 96 12.15 6.05 -5.02
N ALA C 97 11.56 5.64 -6.16
CA ALA C 97 11.57 6.48 -7.36
C ALA C 97 10.88 7.82 -7.12
N ILE C 98 9.70 7.80 -6.47
CA ILE C 98 9.00 9.05 -6.18
C ILE C 98 9.86 9.96 -5.32
N THR C 99 10.44 9.41 -4.25
CA THR C 99 11.24 10.22 -3.34
C THR C 99 12.39 10.90 -4.07
N GLN C 100 13.05 10.15 -4.97
CA GLN C 100 14.11 10.73 -5.79
C GLN C 100 13.60 11.89 -6.62
N GLN C 101 12.45 11.70 -7.27
CA GLN C 101 11.85 12.79 -8.05
C GLN C 101 11.49 13.97 -7.15
N MET C 102 10.94 13.69 -5.96
CA MET C 102 10.60 14.75 -5.02
C MET C 102 11.84 15.56 -4.65
N LEU C 103 12.91 14.86 -4.26
CA LEU C 103 14.17 15.53 -3.94
C LEU C 103 14.74 16.28 -5.13
N ASN C 104 14.65 15.70 -6.33
CA ASN C 104 15.13 16.39 -7.51
C ASN C 104 14.41 17.71 -7.70
N PHE C 105 13.08 17.70 -7.55
CA PHE C 105 12.31 18.91 -7.80
C PHE C 105 12.60 19.98 -6.75
N ALA C 106 12.84 19.58 -5.51
CA ALA C 106 13.19 20.51 -4.45
C ALA C 106 14.63 21.00 -4.54
N GLY C 107 15.44 20.41 -5.43
CA GLY C 107 16.83 20.79 -5.54
C GLY C 107 17.75 20.27 -4.46
N LEU C 108 17.38 19.16 -3.80
CA LEU C 108 18.14 18.60 -2.70
C LEU C 108 18.80 17.27 -3.03
N GLN C 109 18.89 16.91 -4.32
CA GLN C 109 19.34 15.55 -4.67
C GLN C 109 20.79 15.30 -4.26
N ASP C 110 21.61 16.34 -4.20
CA ASP C 110 23.02 16.15 -3.88
C ASP C 110 23.27 15.94 -2.39
N LYS C 111 22.27 16.20 -1.55
CA LYS C 111 22.41 15.93 -0.13
C LYS C 111 21.98 14.52 0.26
N VAL C 112 21.27 13.81 -0.62
CA VAL C 112 20.58 12.58 -0.25
C VAL C 112 21.06 11.45 -1.16
N THR C 113 21.19 10.26 -0.57
CA THR C 113 21.43 9.02 -1.30
C THR C 113 20.32 8.05 -0.96
N ILE C 114 19.54 7.65 -1.97
CA ILE C 114 18.40 6.76 -1.77
C ILE C 114 18.85 5.32 -1.99
N LEU C 115 18.62 4.46 -1.00
CA LEU C 115 18.95 3.04 -1.08
C LEU C 115 17.66 2.23 -1.11
N ASN C 116 17.43 1.49 -2.19
CA ASN C 116 16.15 0.78 -2.38
C ASN C 116 16.33 -0.68 -1.98
N GLY C 117 15.88 -1.03 -0.79
CA GLY C 117 16.03 -2.37 -0.27
C GLY C 117 15.59 -2.43 1.19
N ALA C 118 15.79 -3.61 1.78
CA ALA C 118 15.36 -3.86 3.15
C ALA C 118 16.43 -3.45 4.15
N SER C 119 16.01 -2.83 5.26
CA SER C 119 16.95 -2.33 6.26
C SER C 119 17.88 -3.44 6.76
N GLN C 120 17.35 -4.65 6.98
CA GLN C 120 18.23 -5.70 7.48
C GLN C 120 19.26 -6.12 6.45
N ASP C 121 18.99 -5.90 5.15
CA ASP C 121 20.00 -6.17 4.12
C ASP C 121 20.97 -5.00 3.99
N LEU C 122 20.46 -3.78 4.15
CA LEU C 122 21.27 -2.60 3.83
C LEU C 122 22.12 -2.12 4.99
N ILE C 123 21.60 -2.20 6.22
CA ILE C 123 22.35 -1.69 7.38
C ILE C 123 23.72 -2.35 7.51
N PRO C 124 23.88 -3.68 7.35
CA PRO C 124 25.23 -4.26 7.41
C PRO C 124 26.18 -3.80 6.30
N GLN C 125 25.69 -3.11 5.28
CA GLN C 125 26.54 -2.65 4.18
C GLN C 125 26.96 -1.18 4.30
N LEU C 126 26.42 -0.45 5.28
CA LEU C 126 26.68 0.99 5.34
C LEU C 126 28.17 1.29 5.49
N LYS C 127 28.89 0.54 6.31
CA LYS C 127 30.30 0.85 6.56
C LYS C 127 31.16 0.54 5.33
N LYS C 128 30.97 -0.65 4.72
CA LYS C 128 31.82 -1.02 3.60
C LYS C 128 31.43 -0.29 2.32
N LYS C 129 30.15 -0.35 1.95
CA LYS C 129 29.70 0.13 0.65
C LYS C 129 29.41 1.63 0.62
N TYR C 130 29.11 2.27 1.75
CA TYR C 130 28.71 3.67 1.72
C TYR C 130 29.59 4.54 2.61
N ASP C 131 30.75 4.05 3.01
CA ASP C 131 31.76 4.82 3.74
C ASP C 131 31.16 5.53 4.95
N VAL C 132 30.61 4.73 5.85
CA VAL C 132 30.03 5.22 7.10
C VAL C 132 30.92 4.78 8.25
N ASP C 133 31.29 5.72 9.10
CA ASP C 133 31.89 5.37 10.38
C ASP C 133 30.78 5.11 11.38
N THR C 134 30.23 6.18 11.95
CA THR C 134 29.05 6.08 12.81
C THR C 134 28.04 7.11 12.35
N LEU C 135 26.79 6.90 12.77
CA LEU C 135 25.68 7.76 12.41
C LEU C 135 25.44 8.80 13.50
N ASP C 136 25.05 10.01 13.09
CA ASP C 136 24.70 11.06 14.04
C ASP C 136 23.23 11.03 14.42
N MET C 137 22.38 10.57 13.52
CA MET C 137 20.94 10.52 13.75
C MET C 137 20.34 9.39 12.92
N VAL C 138 19.35 8.70 13.51
CA VAL C 138 18.54 7.71 12.81
C VAL C 138 17.08 8.11 12.96
N PHE C 139 16.35 8.15 11.88
CA PHE C 139 14.92 8.40 11.92
C PHE C 139 14.22 7.09 11.58
N LEU C 140 13.51 6.52 12.56
CA LEU C 140 12.80 5.26 12.35
C LEU C 140 11.38 5.59 11.94
N ASP C 141 11.05 5.28 10.69
CA ASP C 141 9.74 5.63 10.15
C ASP C 141 9.29 4.58 9.14
N HIS C 142 9.74 3.33 9.33
CA HIS C 142 9.44 2.31 8.34
C HIS C 142 8.43 1.32 8.92
N TRP C 143 8.83 0.09 9.08
CA TRP C 143 7.96 -0.94 9.61
C TRP C 143 8.14 -0.98 11.12
N LYS C 144 7.07 -0.73 11.86
CA LYS C 144 7.15 -0.78 13.33
C LYS C 144 7.65 -2.14 13.85
N ASP C 145 7.36 -3.23 13.13
CA ASP C 145 7.91 -4.54 13.49
C ASP C 145 9.44 -4.55 13.49
N ARG C 146 10.06 -3.61 12.79
CA ARG C 146 11.52 -3.57 12.68
CA ARG C 146 11.52 -3.57 12.68
C ARG C 146 12.17 -2.50 13.55
N TYR C 147 11.39 -1.70 14.30
CA TYR C 147 12.00 -0.68 15.16
C TYR C 147 13.03 -1.30 16.10
N LEU C 148 12.61 -2.28 16.91
CA LEU C 148 13.57 -2.90 17.82
C LEU C 148 14.65 -3.70 17.10
N PRO C 149 14.32 -4.66 16.20
CA PRO C 149 15.39 -5.38 15.50
C PRO C 149 16.42 -4.48 14.84
N ASP C 150 16.01 -3.41 14.17
CA ASP C 150 16.98 -2.55 13.50
C ASP C 150 17.78 -1.72 14.50
N THR C 151 17.18 -1.34 15.64
CA THR C 151 17.95 -0.66 16.67
C THR C 151 19.07 -1.57 17.17
N LEU C 152 18.72 -2.82 17.48
CA LEU C 152 19.71 -3.82 17.88
C LEU C 152 20.72 -4.07 16.77
N LEU C 153 20.27 -4.08 15.52
CA LEU C 153 21.18 -4.31 14.41
C LEU C 153 22.15 -3.14 14.22
N LEU C 154 21.65 -1.91 14.36
CA LEU C 154 22.53 -0.74 14.29
C LEU C 154 23.60 -0.79 15.37
N GLU C 155 23.23 -1.20 16.59
CA GLU C 155 24.23 -1.41 17.65
C GLU C 155 25.25 -2.46 17.24
N LYS C 156 24.76 -3.63 16.83
CA LYS C 156 25.63 -4.76 16.50
C LYS C 156 26.62 -4.40 15.42
N CYS C 157 26.21 -3.59 14.45
CA CYS C 157 27.13 -3.21 13.38
C CYS C 157 28.07 -2.08 13.78
N GLY C 158 27.97 -1.56 15.00
CA GLY C 158 28.87 -0.51 15.44
C GLY C 158 28.60 0.83 14.81
N LEU C 159 27.33 1.11 14.47
CA LEU C 159 26.97 2.33 13.76
C LEU C 159 26.50 3.45 14.68
N LEU C 160 26.35 3.19 15.97
CA LEU C 160 25.97 4.22 16.93
C LEU C 160 27.18 4.63 17.76
N ARG C 161 27.23 5.90 18.11
CA ARG C 161 28.20 6.40 19.07
C ARG C 161 27.47 7.09 20.21
N LYS C 162 28.23 7.46 21.24
CA LYS C 162 27.67 8.23 22.33
C LYS C 162 27.13 9.56 21.78
N GLY C 163 25.85 9.79 21.97
CA GLY C 163 25.22 10.98 21.45
C GLY C 163 24.46 10.78 20.16
N THR C 164 24.49 9.58 19.56
CA THR C 164 23.67 9.34 18.38
C THR C 164 22.20 9.39 18.78
N VAL C 165 21.44 10.20 18.04
CA VAL C 165 20.02 10.40 18.32
C VAL C 165 19.21 9.42 17.48
N LEU C 166 18.42 8.58 18.14
CA LEU C 166 17.37 7.83 17.45
C LEU C 166 16.02 8.54 17.67
N LEU C 167 15.23 8.64 16.60
CA LEU C 167 13.92 9.27 16.67
C LEU C 167 12.92 8.39 15.95
N ALA C 168 11.94 7.84 16.69
CA ALA C 168 11.01 6.84 16.18
C ALA C 168 9.63 7.48 16.02
N ASP C 169 9.02 7.31 14.85
CA ASP C 169 7.76 7.98 14.52
C ASP C 169 6.54 7.12 14.85
N ASN C 170 5.42 7.81 15.15
CA ASN C 170 4.11 7.19 15.33
C ASN C 170 4.15 6.15 16.47
N VAL C 171 4.75 6.54 17.58
CA VAL C 171 4.72 5.75 18.81
C VAL C 171 3.65 6.40 19.69
N ILE C 172 2.44 5.85 19.66
CA ILE C 172 1.29 6.53 20.25
C ILE C 172 0.61 5.61 21.27
N VAL C 173 0.26 4.40 20.85
CA VAL C 173 -0.57 3.49 21.64
C VAL C 173 0.19 2.93 22.86
N PRO C 174 1.42 2.39 22.72
CA PRO C 174 2.29 2.24 21.57
C PRO C 174 2.06 0.92 20.86
N GLY C 175 2.14 0.93 19.54
CA GLY C 175 2.19 -0.33 18.81
C GLY C 175 3.54 -1.02 18.87
N THR C 176 4.56 -0.37 19.45
CA THR C 176 5.90 -0.92 19.55
C THR C 176 6.33 -0.99 21.02
N PRO C 177 5.59 -1.71 21.85
CA PRO C 177 5.95 -1.75 23.29
C PRO C 177 7.30 -2.39 23.54
N ASP C 178 7.69 -3.39 22.75
CA ASP C 178 8.99 -4.02 22.96
C ASP C 178 10.12 -3.04 22.68
N PHE C 179 9.99 -2.25 21.61
CA PHE C 179 10.99 -1.23 21.33
C PHE C 179 11.10 -0.24 22.48
N LEU C 180 9.97 0.22 23.00
CA LEU C 180 10.00 1.21 24.08
C LEU C 180 10.59 0.62 25.36
N ALA C 181 10.18 -0.60 25.72
CA ALA C 181 10.70 -1.22 26.93
C ALA C 181 12.21 -1.37 26.85
N TYR C 182 12.72 -1.65 25.66
CA TYR C 182 14.15 -1.82 25.47
C TYR C 182 14.90 -0.51 25.67
N VAL C 183 14.53 0.55 24.93
CA VAL C 183 15.33 1.76 25.01
C VAL C 183 15.12 2.47 26.34
N ARG C 184 13.91 2.39 26.89
CA ARG C 184 13.69 3.03 28.18
C ARG C 184 14.34 2.24 29.31
N GLY C 185 14.27 0.90 29.23
CA GLY C 185 14.85 0.07 30.26
C GLY C 185 16.36 0.05 30.24
N SER C 186 16.96 0.32 29.07
CA SER C 186 18.40 0.22 28.91
C SER C 186 19.11 1.48 29.39
N SER C 187 20.14 1.31 30.21
CA SER C 187 20.96 2.43 30.63
C SER C 187 21.76 3.02 29.47
N SER C 188 21.79 2.35 28.32
CA SER C 188 22.47 2.86 27.13
C SER C 188 21.65 3.88 26.33
N PHE C 189 20.42 4.21 26.74
CA PHE C 189 19.61 5.20 26.04
C PHE C 189 18.92 6.12 27.03
N GLU C 190 19.02 7.42 26.78
CA GLU C 190 18.23 8.44 27.46
C GLU C 190 17.07 8.84 26.55
N CYS C 191 15.85 8.80 27.10
CA CYS C 191 14.65 8.83 26.27
C CYS C 191 13.74 10.01 26.60
N THR C 192 13.11 10.55 25.56
CA THR C 192 12.15 11.63 25.65
C THR C 192 10.98 11.30 24.74
N HIS C 193 9.76 11.42 25.24
CA HIS C 193 8.59 11.21 24.40
C HIS C 193 7.93 12.55 24.08
N TYR C 194 7.56 12.71 22.81
CA TYR C 194 6.88 13.89 22.31
C TYR C 194 5.47 13.51 21.86
N SER C 195 4.46 14.22 22.35
CA SER C 195 3.09 14.05 21.88
C SER C 195 2.60 15.35 21.25
N SER C 196 2.35 15.33 19.94
CA SER C 196 1.88 16.51 19.21
CA SER C 196 1.87 16.51 19.21
C SER C 196 0.36 16.47 19.10
N TYR C 197 -0.31 17.48 19.66
CA TYR C 197 -1.76 17.62 19.62
C TYR C 197 -2.25 18.61 18.56
N LEU C 198 -1.36 19.41 17.97
CA LEU C 198 -1.77 20.60 17.24
C LEU C 198 -2.84 21.31 18.06
N GLU C 199 -3.94 21.77 17.46
CA GLU C 199 -4.91 22.50 18.25
C GLU C 199 -5.97 21.61 18.89
N TYR C 200 -5.85 20.29 18.75
CA TYR C 200 -6.89 19.34 19.12
C TYR C 200 -6.63 18.73 20.49
N MET C 201 -7.52 17.82 20.88
CA MET C 201 -7.42 17.09 22.14
C MET C 201 -6.86 15.69 22.00
N LYS C 202 -6.74 15.18 20.79
CA LYS C 202 -6.14 13.88 20.56
C LYS C 202 -4.73 14.08 20.04
N VAL C 203 -3.89 13.07 20.25
CA VAL C 203 -2.54 13.09 19.70
C VAL C 203 -2.62 12.90 18.19
N VAL C 204 -2.04 13.84 17.45
CA VAL C 204 -1.95 13.67 16.01
C VAL C 204 -0.78 12.77 15.65
N ASP C 205 0.36 12.94 16.33
CA ASP C 205 1.50 12.05 16.17
C ASP C 205 2.29 12.06 17.46
N GLY C 206 2.95 10.94 17.73
CA GLY C 206 3.80 10.81 18.90
C GLY C 206 5.11 10.19 18.48
N LEU C 207 6.20 10.67 19.09
CA LEU C 207 7.54 10.22 18.70
C LEU C 207 8.37 9.96 19.95
N GLU C 208 9.27 8.99 19.83
CA GLU C 208 10.23 8.68 20.88
C GLU C 208 11.61 9.09 20.39
N LYS C 209 12.30 9.90 21.20
CA LYS C 209 13.71 10.22 20.98
C LYS C 209 14.53 9.41 21.96
N ALA C 210 15.50 8.66 21.45
CA ALA C 210 16.37 7.84 22.29
C ALA C 210 17.81 8.12 21.91
N ILE C 211 18.59 8.60 22.87
CA ILE C 211 19.96 9.04 22.63
C ILE C 211 20.91 7.99 23.17
N TYR C 212 21.71 7.40 22.29
CA TYR C 212 22.65 6.36 22.67
C TYR C 212 23.74 6.91 23.55
N GLN C 213 24.05 6.17 24.63
CA GLN C 213 25.04 6.57 25.62
C GLN C 213 26.36 5.82 25.50
N GLY C 214 26.45 4.81 24.63
CA GLY C 214 27.63 4.01 24.50
C GLY C 214 27.40 2.58 24.96
N PRO C 215 28.33 1.69 24.59
CA PRO C 215 28.17 0.27 24.97
C PRO C 215 28.25 0.07 26.47
N SER C 216 27.42 -0.85 26.98
CA SER C 216 27.39 -1.17 28.40
C SER C 216 26.86 -2.59 28.66
S1 DTT D . 6.99 -3.87 -16.28
C1 DTT D . 6.87 -3.44 -14.52
C2 DTT D . 6.90 -4.65 -13.58
O2 DTT D . 5.67 -5.34 -13.64
C3 DTT D . 7.09 -4.23 -12.14
O3 DTT D . 6.00 -3.42 -11.74
C4 DTT D . 7.18 -5.44 -11.22
S4 DTT D . 8.88 -6.07 -11.13
N3 O01 E . 0.63 9.92 -21.40
C4 O01 E . 0.24 10.46 -20.28
C6 O01 E . -0.60 11.69 -20.18
C7 O01 E . 1.91 8.04 -22.36
C8 O01 E . 2.22 7.34 -19.23
C13 O01 E . 3.17 4.83 -16.72
C1 O01 E . 1.53 8.44 -19.86
C11 O01 E . 2.96 5.78 -17.86
C12 O01 E . 2.00 6.79 -17.99
C2 O01 E . 1.37 8.77 -21.18
N10 O01 E . 3.74 5.70 -18.96
N14 O01 E . 4.16 5.42 -15.76
N9 O01 E . 3.27 6.69 -19.78
S5 O01 E . 0.71 9.59 -18.87
C FMT F . -12.00 8.25 -14.27
O1 FMT F . -12.71 8.33 -13.27
O2 FMT F . -12.33 7.67 -15.32
NA NA G . -1.77 -1.14 -14.77
NA NA H . -22.46 1.42 -23.57
S1 DTT I . -6.81 -15.58 9.39
C1 DTT I . -6.28 -15.60 7.66
C2 DTT I . -4.80 -15.91 7.49
O2 DTT I . -4.00 -14.89 8.07
C3 DTT I . -4.44 -16.07 6.02
O3 DTT I . -4.92 -15.00 5.24
C4 DTT I . -2.92 -16.14 5.89
S4 DTT I . -2.17 -17.55 6.74
N3 O01 J . -20.68 -8.81 5.75
C4 O01 J . -20.45 -8.31 4.55
C6 O01 J . -21.43 -7.47 3.81
C7 O01 J . -19.69 -10.19 7.54
C8 O01 J . -17.30 -10.29 5.44
C13 O01 J . -13.73 -11.00 4.94
C1 O01 J . -18.55 -9.62 5.32
C11 O01 J . -15.19 -10.92 5.27
C12 O01 J . -16.10 -9.93 4.87
C2 O01 J . -19.60 -9.55 6.19
N10 O01 J . -15.78 -11.83 6.04
N14 O01 J . -13.60 -11.67 3.68
N9 O01 J . -17.09 -11.42 6.13
S5 O01 J . -18.91 -8.72 3.89
C FMT K . -14.92 4.23 1.61
O1 FMT K . -15.19 4.45 2.79
O2 FMT K . -14.29 5.00 0.86
NA NA L . -14.82 13.52 14.15
NA NA M . 3.23 -15.27 3.75
S1 DTT N . 4.66 11.05 2.13
C1 DTT N . 2.93 10.52 1.95
C2 DTT N . 1.86 11.49 2.48
O2 DTT N . 2.19 11.89 3.79
C3 DTT N . 0.47 10.86 2.47
O3 DTT N . 0.38 9.93 3.52
C4 DTT N . -0.64 11.90 2.62
S4 DTT N . -0.98 12.82 1.10
N3 O01 O . 13.14 -2.07 5.35
C4 O01 O . 12.22 -2.89 5.78
C6 O01 O . 12.53 -4.26 6.33
C7 O01 O . 13.52 0.16 4.37
C8 O01 O . 10.32 0.23 4.61
C13 O01 O . 7.26 2.28 4.54
C1 O01 O . 11.22 -0.83 4.98
C11 O01 O . 8.60 1.62 4.39
C12 O01 O . 9.02 0.47 5.06
C2 O01 O . 12.59 -0.89 4.90
N10 O01 O . 9.57 2.09 3.56
N14 O01 O . 7.35 3.63 3.98
N9 O01 O . 10.61 1.20 3.72
S5 O01 O . 10.60 -2.29 5.65
C FMT P . 1.13 3.11 17.26
O1 FMT P . 1.47 3.55 18.37
O2 FMT P . 1.79 2.33 16.55
NA NA Q . 16.80 4.08 28.98
#